data_9VZW
#
_entry.id   9VZW
#
loop_
_entity.id
_entity.type
_entity.pdbx_description
1 polymer "DNA (5'-D(*CP*GP*CP*(FG)P*CP*G)-3')"
2 non-polymer CBL0137
#
_entity_poly.entity_id   1
_entity_poly.type   'polydeoxyribonucleotide'
_entity_poly.pdbx_seq_one_letter_code
;(DC)(DG)(DC)(A1MA9)(DC)(DG)
;
_entity_poly.pdbx_strand_id   A,B
#
loop_
_chem_comp.id
_chem_comp.type
_chem_comp.name
_chem_comp.formula
A1MA8 non-polymer CBL0137 'C21 H24 N2 O2'
A1MA9 DNA linking '8-CF3-2'F-riboguanosine monophosphate' 'C11 H12 F4 N5 O7 P'
DC DNA linking 2'-DEOXYCYTIDINE-5'-MONOPHOSPHATE 'C9 H14 N3 O7 P'
DG DNA linking 2'-DEOXYGUANOSINE-5'-MONOPHOSPHATE 'C10 H14 N5 O7 P'
#
# COMPACT_ATOMS: atom_id res chain seq x y z
P A1MA9 A 4 5.92 -1.80 -2.72
OP2 A1MA9 A 4 5.36 -0.67 -3.60
O5' A1MA9 A 4 5.36 -3.17 -3.23
C2' A1MA9 A 4 2.99 -5.70 0.14
C5' A1MA9 A 4 4.05 -3.60 -2.80
C4' A1MA9 A 4 4.18 -4.66 -1.69
O4' A1MA9 A 4 4.55 -4.05 -0.48
C1' A1MA9 A 4 4.17 -4.87 0.60
C3' A1MA9 A 4 2.90 -5.40 -1.33
O3' A1MA9 A 4 2.80 -6.63 -2.04
OP1 A1MA9 A 4 7.46 -1.91 -2.82
N9 A1MA9 A 4 3.86 -3.99 1.75
C4 A1MA9 A 4 2.79 -3.10 1.76
N3 A1MA9 A 4 1.84 -2.79 0.86
C2 A1MA9 A 4 0.86 -1.90 1.14
N2 A1MA9 A 4 -0.10 -1.64 0.26
N1 A1MA9 A 4 0.89 -1.26 2.35
C6 A1MA9 A 4 1.81 -1.47 3.32
O6 A1MA9 A 4 1.76 -0.85 4.38
C5 A1MA9 A 4 2.81 -2.46 3.03
N7 A1MA9 A 4 3.86 -2.96 3.78
C8 A1MA9 A 4 4.45 -3.86 2.95
C A1MA9 A 4 5.65 -4.66 3.38
F2' A1MA9 A 4 3.24 -7.05 0.39
F11 A1MA9 A 4 6.55 -4.67 2.42
F12 A1MA9 A 4 5.21 -5.88 3.63
F13 A1MA9 A 4 6.15 -4.11 4.47
H2' A1MA9 A 4 2.06 -5.43 0.63
H5' A1MA9 A 4 3.55 -4.02 -3.66
H5'' A1MA9 A 4 3.47 -2.74 -2.45
H4' A1MA9 A 4 4.92 -5.39 -1.96
H1' A1MA9 A 4 5.00 -5.54 0.81
H3' A1MA9 A 4 2.02 -4.79 -1.51
H21 A1MA9 A 4 -0.11 -2.08 -0.65
H22 A1MA9 A 4 -0.84 -0.99 0.50
H1 A1MA9 A 4 0.19 -0.60 2.59
P A1MA9 B 4 -7.21 0.60 -0.85
OP2 A1MA9 B 4 -6.94 -0.92 -0.96
O5' A1MA9 B 4 -7.25 1.14 -2.30
C2' A1MA9 B 4 -3.57 3.64 -3.89
C5' A1MA9 B 4 -6.11 0.97 -3.14
C4' A1MA9 B 4 -5.52 2.36 -3.42
O4' A1MA9 B 4 -5.03 2.95 -2.24
C1' A1MA9 B 4 -4.29 4.09 -2.64
C3' A1MA9 B 4 -4.32 2.43 -4.35
O3' A1MA9 B 4 -4.75 2.55 -5.72
OP1 A1MA9 B 4 -8.56 1.08 -0.19
N9 A1MA9 B 4 -3.43 4.58 -1.53
C4 A1MA9 B 4 -2.35 3.89 -1.00
N3 A1MA9 B 4 -1.79 2.70 -1.29
C2 A1MA9 B 4 -0.70 2.23 -0.62
N2 A1MA9 B 4 -0.15 1.07 -0.95
N1 A1MA9 B 4 -0.18 2.99 0.39
C6 A1MA9 B 4 -0.66 4.21 0.77
O6 A1MA9 B 4 -0.11 4.83 1.69
C5 A1MA9 B 4 -1.79 4.69 0.03
N7 A1MA9 B 4 -2.52 5.86 0.13
C8 A1MA9 B 4 -3.47 5.75 -0.82
C A1MA9 B 4 -4.48 6.84 -1.05
F2' A1MA9 B 4 -3.60 4.66 -4.83
F11 A1MA9 B 4 -5.67 6.35 -0.71
F12 A1MA9 B 4 -4.45 7.15 -2.34
F13 A1MA9 B 4 -4.19 7.90 -0.33
HOP2 A1MA9 B 4 -8.84 0.42 0.44
H2' A1MA9 B 4 -2.54 3.37 -3.70
H5' A1MA9 B 4 -6.42 0.49 -4.06
H5'' A1MA9 B 4 -5.38 0.32 -2.66
H4' A1MA9 B 4 -6.30 3.00 -3.83
H1' A1MA9 B 4 -5.01 4.86 -2.91
H3' A1MA9 B 4 -3.69 1.55 -4.22
H21 A1MA9 B 4 -0.51 0.48 -1.68
H22 A1MA9 B 4 0.66 0.75 -0.44
H1 A1MA9 B 4 0.62 2.68 0.92
C1 A1MA8 C . -1.83 -4.48 8.34
C2 A1MA8 C . -2.75 -3.47 7.99
C3 A1MA8 C . -3.54 -3.60 6.85
C4 A1MA8 C . -3.41 -4.70 6.05
C5 A1MA8 C . -2.49 -5.70 6.41
C6 A1MA8 C . -1.71 -5.61 7.53
N7 A1MA8 C . -4.00 -5.12 4.87
C8 A1MA8 C . -3.52 -6.35 4.48
C9 A1MA8 C . -2.55 -6.71 5.44
C10 A1MA8 C . -3.76 -7.21 3.44
C11 A1MA8 C . -3.01 -8.37 3.30
C12 A1MA8 C . -2.03 -8.70 4.25
C13 A1MA8 C . -1.82 -7.87 5.35
C14 A1MA8 C . -1.00 -4.35 9.54
C15 A1MA8 C . -1.21 -9.91 4.09
C16 A1MA8 C . -0.94 -3.00 10.26
O17 A1MA8 C . -0.38 -5.27 9.96
C18 A1MA8 C . -1.03 -10.48 2.68
O19 A1MA8 C . -0.64 -10.39 5.02
C20 A1MA8 C . -5.01 -4.34 4.11
C21 A1MA8 C . -6.31 -4.20 4.90
N22 A1MA8 C . -7.35 -3.50 4.13
C23 A1MA8 C . -7.68 -2.14 4.53
C24 A1MA8 C . -8.50 -2.12 5.82
C25 A1MA8 C . -6.45 -1.22 4.60
H26 A1MA8 C . -2.88 -2.59 8.60
H27 A1MA8 C . -4.24 -2.82 6.59
H28 A1MA8 C . -1.01 -6.39 7.78
H29 A1MA8 C . -4.52 -6.98 2.70
H30 A1MA8 C . -3.22 -9.01 2.45
H31 A1MA8 C . -1.08 -8.12 6.10
H34 A1MA8 C . -0.76 -2.19 9.54
H32 A1MA8 C . -0.11 -3.01 10.95
H33 A1MA8 C . -1.86 -2.81 10.80
H36 A1MA8 C . -0.92 -9.66 1.95
H37 A1MA8 C . -1.88 -11.10 2.42
H35 A1MA8 C . -0.12 -11.07 2.66
H38 A1MA8 C . -4.60 -3.36 3.86
H39 A1MA8 C . -5.23 -4.82 3.15
H40 A1MA8 C . -6.69 -5.19 5.11
H41 A1MA8 C . -6.18 -3.70 5.86
H50 A1MA8 C . -8.19 -4.05 4.07
H42 A1MA8 C . -8.32 -1.75 3.74
H44 A1MA8 C . -9.37 -2.77 5.73
H45 A1MA8 C . -8.86 -1.12 6.04
H43 A1MA8 C . -7.92 -2.47 6.68
H46 A1MA8 C . -6.74 -0.20 4.82
H48 A1MA8 C . -5.92 -1.22 3.65
H47 A1MA8 C . -5.75 -1.52 5.39
C1 A1MA8 D . 3.79 7.85 -2.44
C2 A1MA8 D . 4.58 6.79 -2.00
C3 A1MA8 D . 4.71 5.63 -2.77
C4 A1MA8 D . 4.06 5.53 -3.97
C5 A1MA8 D . 3.31 6.63 -4.42
C6 A1MA8 D . 3.16 7.77 -3.69
N7 A1MA8 D . 3.97 4.53 -4.95
C8 A1MA8 D . 3.16 4.97 -5.99
C9 A1MA8 D . 2.78 6.30 -5.68
C10 A1MA8 D . 2.71 4.42 -7.15
C11 A1MA8 D . 1.88 5.15 -8.01
C12 A1MA8 D . 1.55 6.48 -7.71
C13 A1MA8 D . 2.02 7.05 -6.52
C14 A1MA8 D . 3.66 9.04 -1.59
C15 A1MA8 D . 0.78 7.29 -8.66
C16 A1MA8 D . 2.47 9.98 -1.81
O17 A1MA8 D . 4.45 9.26 -0.73
C18 A1MA8 D . -0.31 6.59 -9.48
O19 A1MA8 D . 0.99 8.46 -8.78
C20 A1MA8 D . 4.61 3.21 -4.87
C21 A1MA8 D . 6.14 3.32 -4.84
N22 A1MA8 D . 6.83 2.05 -5.09
C23 A1MA8 D . 8.27 2.04 -4.84
C24 A1MA8 D . 8.99 3.31 -5.28
C25 A1MA8 D . 8.56 1.71 -3.37
H26 A1MA8 D . 5.11 6.85 -1.06
H27 A1MA8 D . 5.30 4.81 -2.40
H28 A1MA8 D . 2.55 8.58 -4.07
H29 A1MA8 D . 2.99 3.41 -7.42
H30 A1MA8 D . 1.53 4.68 -8.91
H31 A1MA8 D . 1.75 8.08 -6.28
H34 A1MA8 D . 2.65 10.62 -2.68
H32 A1MA8 D . 2.35 10.61 -0.93
H33 A1MA8 D . 1.57 9.41 -1.96
H36 A1MA8 D . -1.06 7.33 -9.74
H37 A1MA8 D . -0.76 5.79 -8.90
H35 A1MA8 D . 0.12 6.20 -10.40
H38 A1MA8 D . 4.26 2.67 -4.00
H39 A1MA8 D . 4.32 2.60 -5.74
H40 A1MA8 D . 6.48 4.03 -5.61
H41 A1MA8 D . 6.48 3.70 -3.89
H50 A1MA8 D . 6.36 1.29 -4.61
H42 A1MA8 D . 8.67 1.21 -5.43
H44 A1MA8 D . 8.74 4.16 -4.64
H45 A1MA8 D . 8.76 3.58 -6.30
H43 A1MA8 D . 10.07 3.18 -5.22
H46 A1MA8 D . 8.17 2.49 -2.71
H48 A1MA8 D . 9.62 1.64 -3.19
H47 A1MA8 D . 8.09 0.78 -3.08
P A1MA9 A 4 6.25 -1.78 -2.50
OP2 A1MA9 A 4 5.70 -0.96 -3.69
O5' A1MA9 A 4 6.00 -3.28 -2.82
C2' A1MA9 A 4 3.69 -6.01 0.33
C5' A1MA9 A 4 4.70 -3.81 -2.54
C4' A1MA9 A 4 4.84 -4.85 -1.43
O4' A1MA9 A 4 5.15 -4.23 -0.21
C1' A1MA9 A 4 4.85 -5.14 0.83
C3' A1MA9 A 4 3.59 -5.65 -1.13
O3' A1MA9 A 4 3.60 -6.82 -1.93
OP1 A1MA9 A 4 7.79 -1.65 -2.37
N9 A1MA9 A 4 4.57 -4.36 2.05
C4 A1MA9 A 4 3.53 -3.44 2.14
N3 A1MA9 A 4 2.56 -3.08 1.27
C2 A1MA9 A 4 1.62 -2.18 1.59
N2 A1MA9 A 4 0.66 -1.88 0.72
N1 A1MA9 A 4 1.69 -1.56 2.82
C6 A1MA9 A 4 2.64 -1.81 3.76
O6 A1MA9 A 4 2.64 -1.20 4.83
C5 A1MA9 A 4 3.61 -2.82 3.41
N7 A1MA9 A 4 4.67 -3.37 4.10
C8 A1MA9 A 4 5.17 -4.30 3.26
C A1MA9 A 4 6.33 -5.19 3.66
F2' A1MA9 A 4 3.99 -7.36 0.50
F11 A1MA9 A 4 7.42 -4.68 3.11
F12 A1MA9 A 4 6.09 -6.41 3.22
F13 A1MA9 A 4 6.44 -5.19 4.98
H2' A1MA9 A 4 2.76 -5.77 0.83
H5' A1MA9 A 4 4.34 -4.29 -3.44
H5'' A1MA9 A 4 4.02 -3.03 -2.26
H4' A1MA9 A 4 5.64 -5.55 -1.69
H1' A1MA9 A 4 5.72 -5.77 0.96
H3' A1MA9 A 4 2.68 -5.08 -1.31
H21 A1MA9 A 4 0.67 -2.31 -0.20
H22 A1MA9 A 4 -0.09 -1.25 0.97
H1 A1MA9 A 4 1.01 -0.88 3.09
P A1MA9 B 4 -7.31 0.76 -0.80
OP2 A1MA9 B 4 -8.04 -0.50 -0.27
O5' A1MA9 B 4 -7.16 0.47 -2.31
C2' A1MA9 B 4 -4.04 3.68 -4.05
C5' A1MA9 B 4 -5.90 0.69 -2.98
C4' A1MA9 B 4 -5.80 2.13 -3.49
O4' A1MA9 B 4 -5.55 3.00 -2.40
C1' A1MA9 B 4 -4.85 4.14 -2.86
C3' A1MA9 B 4 -4.63 2.36 -4.44
O3' A1MA9 B 4 -5.06 2.42 -5.80
OP1 A1MA9 B 4 -8.04 2.15 -0.71
N9 A1MA9 B 4 -4.02 4.70 -1.77
C4 A1MA9 B 4 -2.97 4.03 -1.16
N3 A1MA9 B 4 -2.41 2.81 -1.38
C2 A1MA9 B 4 -1.31 2.40 -0.71
N2 A1MA9 B 4 -0.75 1.21 -0.98
N1 A1MA9 B 4 -0.80 3.20 0.26
C6 A1MA9 B 4 -1.31 4.42 0.61
O6 A1MA9 B 4 -0.79 5.07 1.52
C5 A1MA9 B 4 -2.44 4.86 -0.15
N7 A1MA9 B 4 -3.18 6.04 -0.12
C8 A1MA9 B 4 -4.05 5.91 -1.15
C A1MA9 B 4 -4.96 7.05 -1.55
F2' A1MA9 B 4 -4.06 4.62 -5.07
F11 A1MA9 B 4 -6.16 6.76 -1.10
F12 A1MA9 B 4 -4.95 7.16 -2.87
F13 A1MA9 B 4 -4.51 8.18 -0.99
HOP2 A1MA9 B 4 -8.40 2.24 0.17
H2' A1MA9 B 4 -3.00 3.52 -3.77
H5' A1MA9 B 4 -5.83 -0.03 -3.78
H5'' A1MA9 B 4 -5.08 0.50 -2.29
H4' A1MA9 B 4 -6.73 2.44 -3.98
H1' A1MA9 B 4 -5.58 4.86 -3.20
H3' A1MA9 B 4 -3.87 1.58 -4.32
H21 A1MA9 B 4 -1.20 0.58 -1.62
H22 A1MA9 B 4 0.11 0.95 -0.53
H1 A1MA9 B 4 0.02 2.94 0.78
C1 A1MA8 C . -2.13 -4.43 8.09
C2 A1MA8 C . -3.06 -3.41 7.86
C3 A1MA8 C . -3.88 -3.43 6.73
C4 A1MA8 C . -3.78 -4.45 5.82
C5 A1MA8 C . -2.83 -5.46 6.06
C6 A1MA8 C . -2.02 -5.48 7.15
N7 A1MA8 C . -4.41 -4.75 4.62
C8 A1MA8 C . -3.88 -5.92 4.09
C9 A1MA8 C . -2.91 -6.38 5.00
C10 A1MA8 C . -4.11 -6.64 2.94
C11 A1MA8 C . -3.40 -7.81 2.70
C12 A1MA8 C . -2.45 -8.28 3.63
C13 A1MA8 C . -2.21 -7.54 4.79
C14 A1MA8 C . -1.26 -4.43 9.26
C15 A1MA8 C . -1.73 -9.54 3.41
C16 A1MA8 C . -1.47 -3.36 10.34
O17 A1MA8 C . -0.40 -5.26 9.40
C18 A1MA8 C . -1.88 -10.26 2.07
O19 A1MA8 C . -1.04 -10.01 4.27
C20 A1MA8 C . -5.48 -3.94 4.00
C21 A1MA8 C . -6.76 -3.89 4.85
N22 A1MA8 C . -7.87 -3.21 4.19
C23 A1MA8 C . -8.14 -1.80 4.54
C24 A1MA8 C . -8.88 -1.72 5.88
C25 A1MA8 C . -6.89 -0.91 4.49
H26 A1MA8 C . -3.18 -2.60 8.57
H27 A1MA8 C . -4.59 -2.63 6.58
H28 A1MA8 C . -1.30 -6.26 7.29
H29 A1MA8 C . -4.85 -6.30 2.22
H30 A1MA8 C . -3.60 -8.34 1.77
H31 A1MA8 C . -1.48 -7.87 5.51
H34 A1MA8 C . -1.22 -2.37 9.95
H32 A1MA8 C . -0.81 -3.56 11.20
H33 A1MA8 C . -2.49 -3.38 10.70
H36 A1MA8 C . -1.47 -9.65 1.27
H37 A1MA8 C . -2.93 -10.47 1.85
H35 A1MA8 C . -1.35 -11.22 2.10
H38 A1MA8 C . -5.10 -2.92 3.83
H39 A1MA8 C . -5.73 -4.33 3.02
H40 A1MA8 C . -7.10 -4.91 5.03
H41 A1MA8 C . -6.60 -3.45 5.83
H50 A1MA8 C . -7.85 -3.34 3.19
H42 A1MA8 C . -8.83 -1.44 3.78
H44 A1MA8 C . -9.79 -2.31 5.85
H45 A1MA8 C . -9.18 -0.69 6.09
H43 A1MA8 C . -8.27 -2.06 6.70
H46 A1MA8 C . -7.16 0.14 4.63
H48 A1MA8 C . -6.40 -0.99 3.52
H47 A1MA8 C . -6.18 -1.17 5.27
C1 A1MA8 D . 3.86 8.18 -2.55
C2 A1MA8 D . 4.79 7.27 -2.00
C3 A1MA8 D . 4.99 6.03 -2.59
C4 A1MA8 D . 4.26 5.66 -3.69
C5 A1MA8 D . 3.35 6.59 -4.22
C6 A1MA8 D . 3.14 7.82 -3.67
N7 A1MA8 D . 4.16 4.51 -4.48
C8 A1MA8 D . 3.25 4.71 -5.52
C9 A1MA8 D . 2.71 6.00 -5.32
C10 A1MA8 D . 2.81 3.97 -6.57
C11 A1MA8 D . 1.80 4.45 -7.40
C12 A1MA8 D . 1.21 5.69 -7.14
C13 A1MA8 D . 1.71 6.50 -6.11
C14 A1MA8 D . 3.63 9.50 -1.95
C15 A1MA8 D . 0.01 6.16 -7.86
C16 A1MA8 D . 4.48 9.94 -0.75
O17 A1MA8 D . 2.78 10.22 -2.39
C18 A1MA8 D . -0.46 5.38 -9.08
O19 A1MA8 D . -0.59 7.10 -7.46
C20 A1MA8 D . 4.86 3.23 -4.22
C21 A1MA8 D . 6.39 3.32 -4.28
N22 A1MA8 D . 6.98 2.04 -3.87
C23 A1MA8 D . 8.31 2.09 -3.27
C24 A1MA8 D . 9.31 2.95 -4.07
C25 A1MA8 D . 8.24 2.52 -1.81
H26 A1MA8 D . 5.37 7.53 -1.13
H27 A1MA8 D . 5.71 5.34 -2.16
H28 A1MA8 D . 2.42 8.50 -4.11
H29 A1MA8 D . 3.24 2.99 -6.76
H30 A1MA8 D . 1.43 3.81 -8.19
H31 A1MA8 D . 1.30 7.48 -5.92
H34 A1MA8 D . 4.24 10.96 -0.47
H32 A1MA8 D . 5.54 9.90 -1.01
H33 A1MA8 D . 4.29 9.29 0.10
H36 A1MA8 D . -1.35 5.84 -9.48
H37 A1MA8 D . -0.69 4.35 -8.81
H35 A1MA8 D . 0.32 5.39 -9.84
H38 A1MA8 D . 4.57 2.88 -3.24
H39 A1MA8 D . 4.53 2.46 -4.92
H40 A1MA8 D . 6.74 3.55 -5.29
H41 A1MA8 D . 6.76 4.10 -3.62
H50 A1MA8 D . 6.92 1.36 -4.61
H42 A1MA8 D . 8.68 1.06 -3.29
H44 A1MA8 D . 9.01 4.00 -4.09
H45 A1MA8 D . 9.37 2.61 -5.10
H43 A1MA8 D . 10.30 2.91 -3.63
H46 A1MA8 D . 7.92 3.57 -1.73
H48 A1MA8 D . 9.21 2.44 -1.33
H47 A1MA8 D . 7.53 1.92 -1.26
P A1MA9 A 4 5.90 -1.77 -2.14
OP2 A1MA9 A 4 4.87 -1.04 -3.04
O5' A1MA9 A 4 5.90 -3.29 -2.52
C2' A1MA9 A 4 3.17 -6.09 0.12
C5' A1MA9 A 4 4.64 -3.98 -2.59
C4' A1MA9 A 4 4.62 -5.11 -1.54
O4' A1MA9 A 4 4.86 -4.53 -0.28
C1' A1MA9 A 4 4.38 -5.39 0.71
C3' A1MA9 A 4 3.29 -5.84 -1.36
O3' A1MA9 A 4 3.27 -7.10 -2.04
OP1 A1MA9 A 4 7.34 -1.28 -2.42
N9 A1MA9 A 4 4.10 -4.56 1.92
C4 A1MA9 A 4 3.15 -3.57 1.95
N3 A1MA9 A 4 2.24 -3.13 1.04
C2 A1MA9 A 4 1.35 -2.15 1.33
N2 A1MA9 A 4 0.40 -1.81 0.47
N1 A1MA9 A 4 1.43 -1.54 2.55
C6 A1MA9 A 4 2.33 -1.86 3.52
O6 A1MA9 A 4 2.36 -1.22 4.58
C5 A1MA9 A 4 3.21 -2.94 3.22
N7 A1MA9 A 4 4.19 -3.58 3.96
C8 A1MA9 A 4 4.64 -4.56 3.16
C A1MA9 A 4 5.70 -5.54 3.63
F2' A1MA9 A 4 3.20 -7.44 0.44
F11 A1MA9 A 4 6.84 -5.14 3.13
F12 A1MA9 A 4 5.38 -6.75 3.22
F13 A1MA9 A 4 5.73 -5.51 4.96
H2' A1MA9 A 4 2.23 -5.68 0.48
H5' A1MA9 A 4 4.50 -4.37 -3.59
H5'' A1MA9 A 4 3.84 -3.28 -2.38
H4' A1MA9 A 4 5.42 -5.83 -1.75
H1' A1MA9 A 4 5.15 -6.13 0.91
H3' A1MA9 A 4 2.45 -5.23 -1.69
H21 A1MA9 A 4 0.38 -2.25 -0.45
H22 A1MA9 A 4 -0.30 -1.14 0.72
H1 A1MA9 A 4 0.80 -0.81 2.80
P A1MA9 B 4 -6.80 0.30 -0.24
OP2 A1MA9 B 4 -7.26 -0.87 0.65
O5' A1MA9 B 4 -6.44 -0.41 -1.58
C2' A1MA9 B 4 -3.89 2.99 -3.79
C5' A1MA9 B 4 -5.23 -0.02 -2.26
C4' A1MA9 B 4 -5.44 1.33 -2.95
O4' A1MA9 B 4 -5.23 2.35 -2.00
C1' A1MA9 B 4 -4.73 3.50 -2.64
C3' A1MA9 B 4 -4.47 1.64 -4.10
O3' A1MA9 B 4 -5.20 1.72 -5.32
OP1 A1MA9 B 4 -7.83 1.43 -0.59
N9 A1MA9 B 4 -3.98 4.31 -1.64
C4 A1MA9 B 4 -2.84 3.86 -0.99
N3 A1MA9 B 4 -2.14 2.72 -1.08
C2 A1MA9 B 4 -1.01 2.51 -0.35
N2 A1MA9 B 4 -0.33 1.38 -0.52
N1 A1MA9 B 4 -0.62 3.47 0.55
C6 A1MA9 B 4 -1.27 4.65 0.73
O6 A1MA9 B 4 -0.86 5.46 1.56
C5 A1MA9 B 4 -2.43 4.87 -0.09
N7 A1MA9 B 4 -3.31 5.94 -0.20
C8 A1MA9 B 4 -4.18 5.57 -1.16
C A1MA9 B 4 -5.30 6.47 -1.61
F2' A1MA9 B 4 -4.01 3.86 -4.88
F11 A1MA9 B 4 -6.41 6.09 -1.02
F12 A1MA9 B 4 -5.41 6.36 -2.92
F13 A1MA9 B 4 -5.00 7.72 -1.30
HOP2 A1MA9 B 4 -8.56 1.37 0.01
H2' A1MA9 B 4 -2.85 2.88 -3.53
H5' A1MA9 B 4 -4.98 -0.80 -2.98
H5'' A1MA9 B 4 -4.42 0.04 -1.53
H4' A1MA9 B 4 -6.46 1.40 -3.33
H1' A1MA9 B 4 -5.57 4.05 -3.03
H3' A1MA9 B 4 -3.67 0.90 -4.17
H21 A1MA9 B 4 -0.68 0.69 -1.17
H22 A1MA9 B 4 0.50 1.21 0.00
H1 A1MA9 B 4 0.20 3.35 1.11
C1 A1MA8 C . -2.17 -4.83 8.24
C2 A1MA8 C . -3.01 -3.71 8.10
C3 A1MA8 C . -3.84 -3.57 6.99
C4 A1MA8 C . -3.84 -4.52 6.00
C5 A1MA8 C . -2.96 -5.63 6.13
C6 A1MA8 C . -2.15 -5.79 7.22
N7 A1MA8 C . -4.52 -4.70 4.81
C8 A1MA8 C . -4.06 -5.84 4.15
C9 A1MA8 C . -3.11 -6.43 4.99
C10 A1MA8 C . -4.35 -6.44 2.95
C11 A1MA8 C . -3.70 -7.61 2.58
C12 A1MA8 C . -2.77 -8.21 3.44
C13 A1MA8 C . -2.47 -7.60 4.66
C14 A1MA8 C . -1.37 -5.02 9.44
C15 A1MA8 C . -2.12 -9.48 3.10
C16 A1MA8 C . -0.71 -3.79 10.07
O17 A1MA8 C . -1.23 -6.11 9.92
C18 A1MA8 C . -2.07 -9.94 1.64
O19 A1MA8 C . -1.63 -10.15 3.94
C20 A1MA8 C . -5.59 -3.82 4.30
C21 A1MA8 C . -6.84 -3.88 5.21
N22 A1MA8 C . -8.05 -3.30 4.64
C23 A1MA8 C . -8.33 -1.88 4.88
C24 A1MA8 C . -8.98 -1.69 6.25
C25 A1MA8 C . -7.13 -0.95 4.64
H26 A1MA8 C . -3.04 -2.95 8.87
H27 A1MA8 C . -4.49 -2.71 6.90
H28 A1MA8 C . -1.49 -6.65 7.30
H29 A1MA8 C . -5.09 -6.01 2.29
H30 A1MA8 C . -3.94 -8.06 1.63
H31 A1MA8 C . -1.76 -8.04 5.34
H34 A1MA8 C . -0.29 -3.14 9.30
H32 A1MA8 C . 0.10 -4.10 10.73
H33 A1MA8 C . -1.44 -3.23 10.66
H36 A1MA8 C . -1.84 -9.11 0.98
H37 A1MA8 C . -3.04 -10.35 1.33
H35 A1MA8 C . -1.30 -10.70 1.51
H38 A1MA8 C . -5.22 -2.80 4.22
H39 A1MA8 C . -5.90 -4.11 3.29
H40 A1MA8 C . -7.07 -4.93 5.41
H41 A1MA8 C . -6.65 -3.43 6.19
H50 A1MA8 C . -8.16 -3.55 3.66
H42 A1MA8 C . -9.09 -1.62 4.13
H44 A1MA8 C . -9.87 -2.31 6.36
H45 A1MA8 C . -9.29 -0.66 6.40
H43 A1MA8 C . -8.29 -1.96 7.05
H46 A1MA8 C . -7.44 0.10 4.71
H48 A1MA8 C . -6.71 -1.09 3.65
H47 A1MA8 C . -6.35 -1.11 5.38
C1 A1MA8 D . 4.07 8.59 -3.16
C2 A1MA8 D . 4.80 7.71 -2.36
C3 A1MA8 D . 4.93 6.37 -2.70
C4 A1MA8 D . 4.29 5.88 -3.82
C5 A1MA8 D . 3.50 6.77 -4.58
C6 A1MA8 D . 3.40 8.10 -4.28
N7 A1MA8 D . 4.24 4.65 -4.47
C8 A1MA8 D . 3.36 4.72 -5.54
C9 A1MA8 D . 2.90 6.05 -5.62
C10 A1MA8 D . 2.91 3.82 -6.48
C11 A1MA8 D . 2.01 4.22 -7.47
C12 A1MA8 D . 1.56 5.55 -7.52
C13 A1MA8 D . 2.02 6.46 -6.57
C14 A1MA8 D . 4.04 10.04 -2.89
C15 A1MA8 D . 0.65 5.99 -8.57
C16 A1MA8 D . 4.53 10.55 -1.54
O17 A1MA8 D . 3.67 10.80 -3.73
C18 A1MA8 D . -0.26 4.96 -9.25
O19 A1MA8 D . 0.62 7.13 -8.91
C20 A1MA8 D . 5.01 3.47 -4.07
C21 A1MA8 D . 6.52 3.73 -4.26
N22 A1MA8 D . 7.35 2.53 -4.15
C23 A1MA8 D . 8.19 2.39 -2.96
C24 A1MA8 D . 9.34 3.41 -2.97
C25 A1MA8 D . 7.39 2.44 -1.65
H26 A1MA8 D . 5.33 8.06 -1.48
H27 A1MA8 D . 5.55 5.71 -2.11
H28 A1MA8 D . 2.81 8.75 -4.90
H29 A1MA8 D . 3.27 2.80 -6.46
H30 A1MA8 D . 1.68 3.49 -8.20
H31 A1MA8 D . 1.69 7.49 -6.59
H34 A1MA8 D . 5.62 10.48 -1.50
H32 A1MA8 D . 4.11 9.96 -0.73
H33 A1MA8 D . 4.24 11.59 -1.41
H36 A1MA8 D . -1.02 5.47 -9.85
H37 A1MA8 D . -0.76 4.35 -8.49
H35 A1MA8 D . 0.32 4.31 -9.90
H38 A1MA8 D . 4.79 3.19 -3.04
H39 A1MA8 D . 4.73 2.61 -4.68
H40 A1MA8 D . 6.67 4.12 -5.26
H41 A1MA8 D . 6.88 4.49 -3.57
H50 A1MA8 D . 6.81 1.69 -4.34
H42 A1MA8 D . 8.64 1.40 -3.05
H44 A1MA8 D . 9.00 4.43 -2.86
H45 A1MA8 D . 9.90 3.36 -3.91
H43 A1MA8 D . 10.05 3.21 -2.16
H46 A1MA8 D . 6.96 3.42 -1.49
H48 A1MA8 D . 8.01 2.20 -0.80
H47 A1MA8 D . 6.57 1.71 -1.69
P A1MA9 A 4 6.14 -1.55 -2.14
OP2 A1MA9 A 4 5.49 -0.56 -3.12
O5' A1MA9 A 4 5.91 -3.01 -2.65
C2' A1MA9 A 4 3.47 -5.89 0.22
C5' A1MA9 A 4 4.60 -3.57 -2.51
C4' A1MA9 A 4 4.69 -4.72 -1.50
O4' A1MA9 A 4 5.00 -4.18 -0.24
C1' A1MA9 A 4 4.61 -5.07 0.78
C3' A1MA9 A 4 3.43 -5.54 -1.25
O3' A1MA9 A 4 3.46 -6.72 -2.05
OP1 A1MA9 A 4 7.67 -1.37 -2.08
N9 A1MA9 A 4 4.31 -4.28 1.99
C4 A1MA9 A 4 3.27 -3.37 2.08
N3 A1MA9 A 4 2.30 -2.98 1.22
C2 A1MA9 A 4 1.35 -2.07 1.55
N2 A1MA9 A 4 0.39 -1.71 0.71
N1 A1MA9 A 4 1.41 -1.51 2.80
C6 A1MA9 A 4 2.35 -1.80 3.75
O6 A1MA9 A 4 2.33 -1.21 4.82
C5 A1MA9 A 4 3.31 -2.80 3.38
N7 A1MA9 A 4 4.36 -3.38 4.08
C8 A1MA9 A 4 4.94 -4.21 3.20
C A1MA9 A 4 6.19 -4.99 3.54
F2' A1MA9 A 4 3.74 -7.24 0.41
F11 A1MA9 A 4 7.04 -4.94 2.54
F12 A1MA9 A 4 5.81 -6.23 3.77
F13 A1MA9 A 4 6.74 -4.46 4.63
H2' A1MA9 A 4 2.52 -5.66 0.68
H5' A1MA9 A 4 4.26 -3.92 -3.48
H5'' A1MA9 A 4 3.91 -2.80 -2.16
H4' A1MA9 A 4 5.49 -5.39 -1.81
H1' A1MA9 A 4 5.45 -5.74 0.97
H3' A1MA9 A 4 2.53 -4.96 -1.45
H21 A1MA9 A 4 0.30 -2.12 -0.21
H22 A1MA9 A 4 -0.31 -1.04 0.99
H1 A1MA9 A 4 0.74 -0.84 3.10
P A1MA9 B 4 -7.29 1.41 -0.30
OP2 A1MA9 B 4 -8.01 0.18 0.27
O5' A1MA9 B 4 -7.21 1.12 -1.83
C2' A1MA9 B 4 -3.90 3.78 -3.99
C5' A1MA9 B 4 -5.94 1.12 -2.52
C4' A1MA9 B 4 -5.78 2.41 -3.32
O4' A1MA9 B 4 -5.61 3.48 -2.40
C1' A1MA9 B 4 -4.77 4.47 -2.95
C3' A1MA9 B 4 -4.57 2.46 -4.22
O3' A1MA9 B 4 -4.97 2.37 -5.58
OP1 A1MA9 B 4 -7.99 2.81 -0.13
N9 A1MA9 B 4 -4.01 5.10 -1.84
C4 A1MA9 B 4 -3.00 4.46 -1.14
N3 A1MA9 B 4 -2.45 3.22 -1.25
C2 A1MA9 B 4 -1.36 2.84 -0.54
N2 A1MA9 B 4 -0.80 1.66 -0.74
N1 A1MA9 B 4 -0.86 3.72 0.38
C6 A1MA9 B 4 -1.37 4.95 0.63
O6 A1MA9 B 4 -0.86 5.65 1.51
C5 A1MA9 B 4 -2.48 5.36 -0.18
N7 A1MA9 B 4 -3.20 6.54 -0.28
C8 A1MA9 B 4 -4.08 6.33 -1.28
C A1MA9 B 4 -5.02 7.43 -1.73
F2' A1MA9 B 4 -3.80 4.53 -5.15
F11 A1MA9 B 4 -6.19 6.94 -2.11
F12 A1MA9 B 4 -4.44 8.02 -2.76
F13 A1MA9 B 4 -5.19 8.30 -0.75
HOP2 A1MA9 B 4 -8.61 2.77 0.59
H2' A1MA9 B 4 -2.88 3.60 -3.64
H5' A1MA9 B 4 -5.91 0.25 -3.16
H5'' A1MA9 B 4 -5.11 1.04 -1.81
H4' A1MA9 B 4 -6.68 2.58 -3.91
H1' A1MA9 B 4 -5.39 5.19 -3.47
H3' A1MA9 B 4 -3.85 1.67 -3.97
H21 A1MA9 B 4 -1.23 1.00 -1.37
H22 A1MA9 B 4 0.06 1.40 -0.28
H1 A1MA9 B 4 -0.07 3.47 0.93
C1 A1MA8 C . -1.50 -5.26 8.49
C2 A1MA8 C . -2.30 -4.11 8.35
C3 A1MA8 C . -3.13 -3.98 7.23
C4 A1MA8 C . -3.16 -4.95 6.25
C5 A1MA8 C . -2.34 -6.08 6.43
C6 A1MA8 C . -1.53 -6.26 7.52
N7 A1MA8 C . -3.81 -5.11 5.04
C8 A1MA8 C . -3.43 -6.31 4.44
C9 A1MA8 C . -2.51 -6.92 5.32
C10 A1MA8 C . -3.71 -6.93 3.26
C11 A1MA8 C . -3.08 -8.14 2.93
C12 A1MA8 C . -2.20 -8.75 3.83
C13 A1MA8 C . -1.92 -8.13 5.04
C14 A1MA8 C . -0.60 -5.42 9.64
C15 A1MA8 C . -1.57 -10.03 3.50
C16 A1MA8 C . 0.01 -4.16 10.26
O17 A1MA8 C . -0.32 -6.50 10.06
C18 A1MA8 C . -1.32 -10.37 2.02
O19 A1MA8 C . -1.24 -10.80 4.36
C20 A1MA8 C . -4.75 -4.13 4.45
C21 A1MA8 C . -6.18 -4.68 4.29
N22 A1MA8 C . -7.09 -3.83 3.53
C23 A1MA8 C . -7.53 -2.54 4.08
C24 A1MA8 C . -7.70 -2.52 5.61
C25 A1MA8 C . -6.64 -1.39 3.59
H26 A1MA8 C . -2.31 -3.34 9.09
H27 A1MA8 C . -3.75 -3.10 7.13
H28 A1MA8 C . -0.92 -7.15 7.62
H29 A1MA8 C . -4.40 -6.49 2.56
H30 A1MA8 C . -3.29 -8.58 1.97
H31 A1MA8 C . -1.23 -8.58 5.75
H34 A1MA8 C . 0.20 -3.40 9.50
H32 A1MA8 C . 0.95 -4.42 10.73
H33 A1MA8 C . -0.67 -3.76 11.02
H36 A1MA8 C . -1.07 -9.46 1.46
H37 A1MA8 C . -2.22 -10.80 1.58
H35 A1MA8 C . -0.50 -11.07 1.94
H38 A1MA8 C . -4.79 -3.24 5.06
H39 A1MA8 C . -4.36 -3.82 3.48
H40 A1MA8 C . -6.14 -5.63 3.77
H41 A1MA8 C . -6.62 -4.88 5.27
H50 A1MA8 C . -6.75 -3.72 2.58
H42 A1MA8 C . -8.52 -2.37 3.65
H44 A1MA8 C . -8.36 -3.34 5.93
H45 A1MA8 C . -8.15 -1.59 5.94
H43 A1MA8 C . -6.75 -2.64 6.13
H46 A1MA8 C . -7.04 -0.43 3.92
H48 A1MA8 C . -6.59 -1.36 2.50
H47 A1MA8 C . -5.63 -1.47 3.97
C1 A1MA8 D . 3.66 8.35 -3.12
C2 A1MA8 D . 4.40 7.43 -2.36
C3 A1MA8 D . 4.57 6.12 -2.83
C4 A1MA8 D . 3.97 5.71 -3.98
C5 A1MA8 D . 3.22 6.64 -4.71
C6 A1MA8 D . 3.07 7.93 -4.32
N7 A1MA8 D . 3.92 4.51 -4.70
C8 A1MA8 D . 3.11 4.65 -5.82
C9 A1MA8 D . 2.68 5.99 -5.84
C10 A1MA8 D . 2.68 3.81 -6.80
C11 A1MA8 D . 1.81 4.28 -7.80
C12 A1MA8 D . 1.40 5.62 -7.81
C13 A1MA8 D . 1.86 6.49 -6.82
C14 A1MA8 D . 3.53 9.76 -2.70
C15 A1MA8 D . 0.54 6.13 -8.89
C16 A1MA8 D . 3.83 10.10 -1.24
O17 A1MA8 D . 3.20 10.61 -3.47
C18 A1MA8 D . -0.42 5.15 -9.57
O19 A1MA8 D . 0.60 7.27 -9.22
C20 A1MA8 D . 4.59 3.26 -4.29
C21 A1MA8 D . 6.11 3.38 -4.23
N22 A1MA8 D . 6.73 2.11 -3.82
C23 A1MA8 D . 7.90 2.19 -2.93
C24 A1MA8 D . 9.06 2.99 -3.52
C25 A1MA8 D . 7.49 2.68 -1.54
H26 A1MA8 D . 4.89 7.71 -1.44
H27 A1MA8 D . 5.17 5.43 -2.24
H28 A1MA8 D . 2.50 8.63 -4.92
H29 A1MA8 D . 3.00 2.77 -6.83
H30 A1MA8 D . 1.49 3.59 -8.57
H31 A1MA8 D . 1.56 7.53 -6.82
H34 A1MA8 D . 4.89 9.98 -1.03
H32 A1MA8 D . 3.24 9.47 -0.57
H33 A1MA8 D . 3.56 11.14 -1.06
H36 A1MA8 D . -1.25 5.71 -10.03
H37 A1MA8 D . -0.83 4.46 -8.83
H35 A1MA8 D . 0.09 4.59 -10.34
H38 A1MA8 D . 4.21 2.95 -3.32
H39 A1MA8 D . 4.33 2.45 -4.98
H40 A1MA8 D . 6.53 3.65 -5.21
H41 A1MA8 D . 6.41 4.15 -3.53
H50 A1MA8 D . 6.02 1.53 -3.37
H42 A1MA8 D . 8.24 1.16 -2.82
H44 A1MA8 D . 8.77 4.03 -3.73
H45 A1MA8 D . 9.43 2.54 -4.44
H43 A1MA8 D . 9.90 3.03 -2.82
H46 A1MA8 D . 7.33 3.76 -1.52
H48 A1MA8 D . 8.25 2.44 -0.80
H47 A1MA8 D . 6.57 2.20 -1.21
P A1MA9 A 4 5.77 -1.78 -2.07
OP2 A1MA9 A 4 4.98 -0.67 -2.82
O5' A1MA9 A 4 5.28 -3.15 -2.60
C2' A1MA9 A 4 2.90 -5.89 0.46
C5' A1MA9 A 4 3.98 -3.60 -2.20
C4' A1MA9 A 4 4.15 -4.84 -1.33
O4' A1MA9 A 4 4.68 -4.43 -0.08
C1' A1MA9 A 4 4.19 -5.23 0.97
C3' A1MA9 A 4 2.87 -5.60 -1.01
O3' A1MA9 A 4 2.86 -6.82 -1.76
OP1 A1MA9 A 4 7.28 -1.73 -2.40
N9 A1MA9 A 4 4.05 -4.36 2.16
C4 A1MA9 A 4 3.12 -3.34 2.23
N3 A1MA9 A 4 2.17 -2.91 1.38
C2 A1MA9 A 4 1.32 -1.89 1.70
N2 A1MA9 A 4 0.34 -1.56 0.88
N1 A1MA9 A 4 1.51 -1.25 2.89
C6 A1MA9 A 4 2.46 -1.56 3.81
O6 A1MA9 A 4 2.58 -0.89 4.83
C5 A1MA9 A 4 3.29 -2.69 3.48
N7 A1MA9 A 4 4.30 -3.33 4.18
C8 A1MA9 A 4 4.72 -4.31 3.34
C A1MA9 A 4 5.85 -5.25 3.74
F2' A1MA9 A 4 2.89 -7.25 0.75
F11 A1MA9 A 4 6.64 -5.43 2.71
F12 A1MA9 A 4 5.28 -6.37 4.10
F13 A1MA9 A 4 6.52 -4.72 4.75
H2' A1MA9 A 4 2.02 -5.44 0.92
H5' A1MA9 A 4 3.40 -3.82 -3.09
H5'' A1MA9 A 4 3.46 -2.81 -1.64
H4' A1MA9 A 4 4.85 -5.53 -1.80
H1' A1MA9 A 4 4.90 -6.03 1.16
H3' A1MA9 A 4 1.99 -5.02 -1.23
H21 A1MA9 A 4 0.23 -2.03 -0.01
H22 A1MA9 A 4 -0.32 -0.84 1.14
H1 A1MA9 A 4 0.91 -0.49 3.15
P A1MA9 B 4 -6.93 0.55 0.02
OP2 A1MA9 B 4 -6.57 -0.94 0.14
O5' A1MA9 B 4 -7.04 0.81 -1.51
C2' A1MA9 B 4 -3.70 3.64 -3.40
C5' A1MA9 B 4 -5.83 0.81 -2.30
C4' A1MA9 B 4 -5.56 2.23 -2.80
O4' A1MA9 B 4 -5.22 3.07 -1.73
C1' A1MA9 B 4 -4.49 4.18 -2.22
C3' A1MA9 B 4 -4.39 2.36 -3.77
O3' A1MA9 B 4 -4.89 2.46 -5.10
OP1 A1MA9 B 4 -8.28 1.04 0.69
N9 A1MA9 B 4 -3.72 4.77 -1.11
C4 A1MA9 B 4 -2.59 4.17 -0.55
N3 A1MA9 B 4 -1.96 3.01 -0.80
C2 A1MA9 B 4 -0.83 2.65 -0.13
N2 A1MA9 B 4 -0.22 1.51 -0.44
N1 A1MA9 B 4 -0.34 3.48 0.84
C6 A1MA9 B 4 -0.92 4.68 1.19
O6 A1MA9 B 4 -0.42 5.36 2.07
C5 A1MA9 B 4 -2.10 5.04 0.45
N7 A1MA9 B 4 -2.91 6.16 0.50
C8 A1MA9 B 4 -3.88 5.91 -0.40
C A1MA9 B 4 -5.03 6.88 -0.57
F2' A1MA9 B 4 -3.66 4.55 -4.45
F11 A1MA9 B 4 -6.14 6.19 -0.79
F12 A1MA9 B 4 -4.75 7.68 -1.58
F13 A1MA9 B 4 -5.16 7.58 0.55
HOP2 A1MA9 B 4 -8.93 0.36 0.61
H2' A1MA9 B 4 -2.67 3.41 -3.13
H5' A1MA9 B 4 -5.98 0.13 -3.13
H5'' A1MA9 B 4 -5.00 0.43 -1.71
H4' A1MA9 B 4 -6.46 2.61 -3.28
H1' A1MA9 B 4 -5.21 4.91 -2.61
H3' A1MA9 B 4 -3.69 1.55 -3.66
H21 A1MA9 B 4 -0.62 0.91 -1.14
H22 A1MA9 B 4 0.63 1.24 0.03
H1 A1MA9 B 4 0.48 3.26 1.35
C1 A1MA8 C . -1.94 -4.58 8.15
C2 A1MA8 C . -2.99 -3.69 7.89
C3 A1MA8 C . -3.77 -3.82 6.75
C4 A1MA8 C . -3.56 -4.87 5.89
C5 A1MA8 C . -2.54 -5.80 6.18
C6 A1MA8 C . -1.72 -5.65 7.27
N7 A1MA8 C . -4.12 -5.27 4.68
C8 A1MA8 C . -3.53 -6.45 4.24
C9 A1MA8 C . -2.53 -6.78 5.19
C10 A1MA8 C . -3.68 -7.26 3.15
C11 A1MA8 C . -2.85 -8.38 2.97
C12 A1MA8 C . -1.86 -8.68 3.91
C13 A1MA8 C . -1.73 -7.87 5.05
C14 A1MA8 C . -1.04 -4.39 9.29
C15 A1MA8 C . -0.94 -9.82 3.72
C16 A1MA8 C . -1.57 -3.61 10.50
O17 A1MA8 C . 0.07 -4.83 9.28
C18 A1MA8 C . -0.75 -10.37 2.30
O19 A1MA8 C . -0.33 -10.28 4.64
C20 A1MA8 C . -5.16 -4.53 3.93
C21 A1MA8 C . -6.50 -4.38 4.66
N22 A1MA8 C . -7.52 -3.75 3.82
C23 A1MA8 C . -7.87 -2.35 4.09
C24 A1MA8 C . -8.68 -2.20 5.38
C25 A1MA8 C . -6.64 -1.42 4.07
H26 A1MA8 C . -3.18 -2.85 8.55
H27 A1MA8 C . -4.55 -3.11 6.54
H28 A1MA8 C . -0.91 -6.34 7.45
H29 A1MA8 C . -4.44 -7.06 2.40
H30 A1MA8 C . -2.99 -8.97 2.08
H31 A1MA8 C . -0.97 -8.11 5.79
H34 A1MA8 C . -1.65 -2.56 10.25
H32 A1MA8 C . -0.87 -3.73 11.33
H33 A1MA8 C . -2.54 -3.99 10.80
H36 A1MA8 C . -0.56 -9.56 1.61
H37 A1MA8 C . -1.64 -10.92 1.99
H35 A1MA8 C . 0.10 -11.04 2.29
H38 A1MA8 C . -4.76 -3.54 3.71
H39 A1MA8 C . -5.33 -5.00 2.97
H40 A1MA8 C . -6.88 -5.37 4.91
H41 A1MA8 C . -6.41 -3.84 5.59
H50 A1MA8 C . -7.32 -3.89 2.84
H42 A1MA8 C . -8.52 -2.05 3.26
H44 A1MA8 C . -9.56 -2.86 5.36
H45 A1MA8 C . -9.04 -1.19 5.50
H43 A1MA8 C . -8.10 -2.46 6.25
H46 A1MA8 C . -6.95 -0.38 4.15
H48 A1MA8 C . -6.09 -1.53 3.14
H47 A1MA8 C . -5.98 -1.62 4.90
C1 A1MA8 D . 3.81 8.03 -2.63
C2 A1MA8 D . 4.71 7.08 -2.12
C3 A1MA8 D . 4.92 5.87 -2.79
C4 A1MA8 D . 4.25 5.59 -3.95
C5 A1MA8 D . 3.36 6.55 -4.46
C6 A1MA8 D . 3.14 7.75 -3.83
N7 A1MA8 D . 4.18 4.49 -4.81
C8 A1MA8 D . 3.30 4.75 -5.86
C9 A1MA8 D . 2.80 6.06 -5.65
C10 A1MA8 D . 2.85 4.04 -6.93
C11 A1MA8 D . 1.93 4.60 -7.81
C12 A1MA8 D . 1.47 5.92 -7.62
C13 A1MA8 D . 1.92 6.65 -6.51
C14 A1MA8 D . 3.56 9.29 -1.92
C15 A1MA8 D . 0.53 6.55 -8.55
C16 A1MA8 D . 4.50 9.67 -0.77
O17 A1MA8 D . 2.67 10.00 -2.24
C18 A1MA8 D . -0.20 5.67 -9.58
O19 A1MA8 D . 0.33 7.72 -8.52
C20 A1MA8 D . 4.92 3.23 -4.62
C21 A1MA8 D . 6.45 3.43 -4.65
N22 A1MA8 D . 7.16 2.17 -4.42
C23 A1MA8 D . 8.41 2.23 -3.66
C24 A1MA8 D . 9.40 3.28 -4.18
C25 A1MA8 D . 8.12 2.40 -2.16
H26 A1MA8 D . 5.27 7.26 -1.22
H27 A1MA8 D . 5.61 5.15 -2.38
H28 A1MA8 D . 2.43 8.46 -4.24
H29 A1MA8 D . 3.20 3.03 -7.10
H30 A1MA8 D . 1.59 4.01 -8.65
H31 A1MA8 D . 1.58 7.66 -6.34
H34 A1MA8 D . 5.54 9.60 -1.08
H32 A1MA8 D . 4.33 9.01 0.09
H33 A1MA8 D . 4.31 10.69 -0.45
H36 A1MA8 D . -0.97 6.26 -10.08
H37 A1MA8 D . -0.68 4.82 -9.08
H35 A1MA8 D . 0.50 5.30 -10.32
H38 A1MA8 D . 4.63 2.80 -3.66
H39 A1MA8 D . 4.64 2.50 -5.38
H40 A1MA8 D . 6.79 3.83 -5.60
H41 A1MA8 D . 6.76 4.14 -3.89
H50 A1MA8 D . 7.25 1.64 -5.27
H42 A1MA8 D . 8.88 1.26 -3.80
H44 A1MA8 D . 8.99 4.30 -4.12
H45 A1MA8 D . 9.68 3.09 -5.21
H43 A1MA8 D . 10.32 3.28 -3.59
H46 A1MA8 D . 7.68 3.37 -1.95
H48 A1MA8 D . 9.03 2.33 -1.57
H47 A1MA8 D . 7.43 1.64 -1.81
P A1MA9 A 4 5.95 -1.36 -2.10
OP2 A1MA9 A 4 5.09 -0.30 -2.82
O5' A1MA9 A 4 5.56 -2.77 -2.64
C2' A1MA9 A 4 3.81 -5.87 0.51
C5' A1MA9 A 4 4.34 -3.34 -2.13
C4' A1MA9 A 4 4.72 -4.57 -1.31
O4' A1MA9 A 4 5.30 -4.14 -0.11
C1' A1MA9 A 4 5.00 -5.04 0.95
C3' A1MA9 A 4 3.58 -5.51 -0.92
O3' A1MA9 A 4 3.63 -6.67 -1.74
OP1 A1MA9 A 4 7.45 -1.20 -2.45
N9 A1MA9 A 4 4.77 -4.23 2.16
C4 A1MA9 A 4 3.69 -3.37 2.31
N3 A1MA9 A 4 2.68 -3.02 1.49
C2 A1MA9 A 4 1.72 -2.14 1.88
N2 A1MA9 A 4 0.73 -1.83 1.04
N1 A1MA9 A 4 1.80 -1.59 3.11
C6 A1MA9 A 4 2.78 -1.85 4.02
O6 A1MA9 A 4 2.77 -1.29 5.12
C5 A1MA9 A 4 3.78 -2.80 3.62
N7 A1MA9 A 4 4.89 -3.32 4.25
C8 A1MA9 A 4 5.48 -4.09 3.31
C A1MA9 A 4 6.83 -4.73 3.52
F2' A1MA9 A 4 4.10 -7.23 0.65
F11 A1MA9 A 4 7.54 -4.61 2.42
F12 A1MA9 A 4 6.65 -6.01 3.83
F13 A1MA9 A 4 7.45 -4.10 4.51
H2' A1MA9 A 4 2.91 -5.66 1.10
H5' A1MA9 A 4 3.71 -3.59 -2.97
H5'' A1MA9 A 4 3.80 -2.62 -1.52
H4' A1MA9 A 4 5.46 -5.17 -1.86
H1' A1MA9 A 4 5.85 -5.70 1.07
H3' A1MA9 A 4 2.60 -5.03 -1.02
H21 A1MA9 A 4 0.70 -2.24 0.12
H22 A1MA9 A 4 -0.01 -1.19 1.32
H1 A1MA9 A 4 1.10 -0.94 3.43
P A1MA9 B 4 -6.92 0.87 -0.39
OP2 A1MA9 B 4 -6.90 -0.67 -0.42
O5' A1MA9 B 4 -6.86 1.26 -1.90
C2' A1MA9 B 4 -3.47 4.05 -3.80
C5' A1MA9 B 4 -5.59 1.23 -2.56
C4' A1MA9 B 4 -5.29 2.61 -3.13
O4' A1MA9 B 4 -4.98 3.51 -2.09
C1' A1MA9 B 4 -4.26 4.60 -2.62
C3' A1MA9 B 4 -4.06 2.69 -4.03
O3' A1MA9 B 4 -4.46 2.53 -5.39
OP1 A1MA9 B 4 -8.18 1.59 0.21
N9 A1MA9 B 4 -3.42 5.15 -1.54
C4 A1MA9 B 4 -2.44 4.44 -0.88
N3 A1MA9 B 4 -1.98 3.17 -1.03
C2 A1MA9 B 4 -0.97 2.70 -0.27
N2 A1MA9 B 4 -0.52 1.46 -0.48
N1 A1MA9 B 4 -0.45 3.50 0.71
C6 A1MA9 B 4 -0.85 4.78 0.97
O6 A1MA9 B 4 -0.32 5.42 1.87
C5 A1MA9 B 4 -1.89 5.28 0.11
N7 A1MA9 B 4 -2.52 6.53 0.03
C8 A1MA9 B 4 -3.39 6.39 -0.99
C A1MA9 B 4 -4.26 7.52 -1.48
F2' A1MA9 B 4 -3.59 4.90 -4.89
F11 A1MA9 B 4 -5.52 7.16 -1.35
F12 A1MA9 B 4 -3.96 7.70 -2.77
F13 A1MA9 B 4 -4.00 8.61 -0.81
HOP2 A1MA9 B 4 -8.70 0.95 0.69
H2' A1MA9 B 4 -2.42 3.94 -3.56
H5' A1MA9 B 4 -5.64 0.50 -3.37
H5'' A1MA9 B 4 -4.79 0.89 -1.89
H4' A1MA9 B 4 -6.16 2.98 -3.67
H1' A1MA9 B 4 -4.97 5.33 -2.99
H3' A1MA9 B 4 -3.32 1.94 -3.73
H21 A1MA9 B 4 -0.95 0.87 -1.17
H22 A1MA9 B 4 0.25 1.10 0.06
H1 A1MA9 B 4 0.29 3.18 1.30
C1 A1MA8 C . -2.26 -4.89 7.84
C2 A1MA8 C . -3.14 -3.83 7.62
C3 A1MA8 C . -3.94 -3.79 6.46
C4 A1MA8 C . -3.82 -4.77 5.53
C5 A1MA8 C . -2.90 -5.82 5.74
C6 A1MA8 C . -2.13 -5.89 6.87
N7 A1MA8 C . -4.43 -5.03 4.30
C8 A1MA8 C . -3.91 -6.19 3.74
C9 A1MA8 C . -2.94 -6.68 4.64
C10 A1MA8 C . -4.14 -6.89 2.58
C11 A1MA8 C . -3.40 -8.05 2.31
C12 A1MA8 C . -2.42 -8.49 3.21
C13 A1MA8 C . -2.20 -7.80 4.40
C14 A1MA8 C . -1.51 -5.02 9.09
C15 A1MA8 C . -1.56 -9.64 2.88
C16 A1MA8 C . -1.29 -3.79 9.96
O17 A1MA8 C . -1.10 -6.09 9.44
C18 A1MA8 C . -1.98 -10.60 1.77
O19 A1MA8 C . -0.53 -9.80 3.46
C20 A1MA8 C . -5.48 -4.19 3.68
C21 A1MA8 C . -6.78 -4.23 4.50
N22 A1MA8 C . -7.81 -3.34 3.96
C23 A1MA8 C . -8.05 -2.07 4.66
C24 A1MA8 C . -8.46 -2.28 6.13
C25 A1MA8 C . -6.88 -1.10 4.49
H26 A1MA8 C . -3.25 -3.04 8.35
H27 A1MA8 C . -4.63 -2.98 6.32
H28 A1MA8 C . -1.43 -6.70 7.00
H29 A1MA8 C . -4.88 -6.55 1.87
H30 A1MA8 C . -3.57 -8.56 1.38
H31 A1MA8 C . -1.46 -8.15 5.10
H34 A1MA8 C . -0.83 -2.99 9.37
H32 A1MA8 C . -0.61 -4.04 10.78
H33 A1MA8 C . -2.22 -3.44 10.38
H36 A1MA8 C . -1.83 -10.13 0.80
H37 A1MA8 C . -3.03 -10.88 1.89
H35 A1MA8 C . -1.37 -11.50 1.83
H38 A1MA8 C . -5.10 -3.18 3.59
H39 A1MA8 C . -5.69 -4.53 2.67
H40 A1MA8 C . -7.19 -5.24 4.47
H41 A1MA8 C . -6.60 -4.00 5.55
H50 A1MA8 C . -7.73 -3.23 2.96
H42 A1MA8 C . -8.92 -1.64 4.16
H44 A1MA8 C . -9.19 -3.09 6.23
H45 A1MA8 C . -8.91 -1.39 6.54
H43 A1MA8 C . -7.61 -2.54 6.76
H46 A1MA8 C . -7.14 -0.10 4.85
H48 A1MA8 C . -6.59 -1.00 3.45
H47 A1MA8 C . -6.00 -1.43 5.05
C1 A1MA8 D . 3.61 8.32 -2.94
C2 A1MA8 D . 4.27 7.28 -2.29
C3 A1MA8 D . 4.36 6.01 -2.87
C4 A1MA8 D . 3.80 5.77 -4.09
C5 A1MA8 D . 3.12 6.83 -4.74
C6 A1MA8 D . 3.02 8.07 -4.20
N7 A1MA8 D . 3.69 4.65 -4.91
C8 A1MA8 D . 2.93 4.96 -6.04
C9 A1MA8 D . 2.59 6.32 -5.94
C10 A1MA8 D . 2.48 4.24 -7.12
C11 A1MA8 D . 1.67 4.84 -8.08
C12 A1MA8 D . 1.36 6.21 -7.98
C13 A1MA8 D . 1.84 6.95 -6.90
C14 A1MA8 D . 3.53 9.67 -2.36
C15 A1MA8 D . 0.54 6.84 -9.03
C16 A1MA8 D . 3.56 9.80 -0.83
O17 A1MA8 D . 3.44 10.63 -3.06
C18 A1MA8 D . -0.62 6.03 -9.62
O19 A1MA8 D . 0.76 7.96 -9.38
C20 A1MA8 D . 4.27 3.33 -4.62
C21 A1MA8 D . 5.81 3.38 -4.56
N22 A1MA8 D . 6.43 2.11 -4.18
C23 A1MA8 D . 7.75 2.23 -3.56
C24 A1MA8 D . 8.72 3.12 -4.35
C25 A1MA8 D . 7.65 2.68 -2.10
H26 A1MA8 D . 4.75 7.45 -1.34
H27 A1MA8 D . 4.89 5.22 -2.35
H28 A1MA8 D . 2.50 8.87 -4.72
H29 A1MA8 D . 2.74 3.20 -7.21
H30 A1MA8 D . 1.30 4.24 -8.89
H31 A1MA8 D . 1.61 8.00 -6.83
H34 A1MA8 D . 4.50 9.45 -0.42
H32 A1MA8 D . 2.72 9.25 -0.41
H33 A1MA8 D . 3.45 10.85 -0.57
H36 A1MA8 D . -1.34 6.70 -10.08
H37 A1MA8 D . -1.12 5.46 -8.84
H35 A1MA8 D . -0.24 5.34 -10.37
H38 A1MA8 D . 3.88 2.97 -3.66
H39 A1MA8 D . 3.97 2.59 -5.36
H40 A1MA8 D . 6.21 3.67 -5.53
H41 A1MA8 D . 6.11 4.13 -3.84
H50 A1MA8 D . 5.81 1.56 -3.59
H42 A1MA8 D . 8.17 1.22 -3.55
H44 A1MA8 D . 8.41 4.16 -4.36
H45 A1MA8 D . 8.82 2.80 -5.39
H43 A1MA8 D . 9.72 3.10 -3.90
H46 A1MA8 D . 7.27 3.70 -2.01
H48 A1MA8 D . 8.63 2.66 -1.62
H47 A1MA8 D . 6.99 2.02 -1.53
P A1MA9 A 4 5.92 -1.60 -2.23
OP2 A1MA9 A 4 5.38 -0.66 -3.33
O5' A1MA9 A 4 5.68 -3.06 -2.73
C2' A1MA9 A 4 3.20 -5.71 0.38
C5' A1MA9 A 4 4.39 -3.65 -2.51
C4' A1MA9 A 4 4.48 -4.66 -1.35
O4' A1MA9 A 4 4.67 -4.00 -0.12
C1' A1MA9 A 4 4.35 -4.89 0.92
C3' A1MA9 A 4 3.25 -5.53 -1.12
O3' A1MA9 A 4 3.40 -6.78 -1.78
OP1 A1MA9 A 4 7.44 -1.48 -2.07
N9 A1MA9 A 4 4.08 -4.13 2.15
C4 A1MA9 A 4 3.04 -3.21 2.25
N3 A1MA9 A 4 2.08 -2.83 1.38
C2 A1MA9 A 4 1.14 -1.90 1.70
N2 A1MA9 A 4 0.19 -1.58 0.83
N1 A1MA9 A 4 1.21 -1.32 2.92
C6 A1MA9 A 4 2.15 -1.60 3.87
O6 A1MA9 A 4 2.15 -0.99 4.94
C5 A1MA9 A 4 3.11 -2.61 3.54
N7 A1MA9 A 4 4.14 -3.19 4.23
C8 A1MA9 A 4 4.68 -4.09 3.39
C A1MA9 A 4 5.83 -4.98 3.82
F2' A1MA9 A 4 3.36 -7.06 0.74
F11 A1MA9 A 4 6.67 -5.16 2.83
F12 A1MA9 A 4 5.28 -6.12 4.19
F13 A1MA9 A 4 6.44 -4.41 4.84
H2' A1MA9 A 4 2.24 -5.37 0.76
H5' A1MA9 A 4 4.08 -4.15 -3.43
H5'' A1MA9 A 4 3.65 -2.88 -2.29
H4' A1MA9 A 4 5.34 -5.32 -1.52
H1' A1MA9 A 4 5.20 -5.57 1.05
H3' A1MA9 A 4 2.35 -5.02 -1.45
H21 A1MA9 A 4 0.16 -2.03 -0.07
H22 A1MA9 A 4 -0.51 -0.90 1.07
H1 A1MA9 A 4 0.55 -0.63 3.21
P A1MA9 B 4 -6.77 1.21 -0.61
OP2 A1MA9 B 4 -6.16 -0.21 -0.53
O5' A1MA9 B 4 -6.84 1.52 -2.13
C2' A1MA9 B 4 -3.73 4.35 -4.32
C5' A1MA9 B 4 -5.60 1.54 -2.86
C4' A1MA9 B 4 -5.50 2.87 -3.61
O4' A1MA9 B 4 -5.36 3.91 -2.68
C1' A1MA9 B 4 -4.57 4.95 -3.21
C3' A1MA9 B 4 -4.29 2.98 -4.53
O3' A1MA9 B 4 -4.70 2.80 -5.88
OP1 A1MA9 B 4 -8.22 1.44 -0.05
N9 A1MA9 B 4 -3.77 5.47 -2.08
C4 A1MA9 B 4 -2.87 4.68 -1.40
N3 A1MA9 B 4 -2.46 3.40 -1.58
C2 A1MA9 B 4 -1.49 2.85 -0.81
N2 A1MA9 B 4 -1.09 1.60 -1.02
N1 A1MA9 B 4 -0.98 3.60 0.21
C6 A1MA9 B 4 -1.36 4.87 0.53
O6 A1MA9 B 4 -0.88 5.44 1.50
C5 A1MA9 B 4 -2.34 5.46 -0.35
N7 A1MA9 B 4 -2.92 6.72 -0.39
C8 A1MA9 B 4 -3.74 6.68 -1.47
C A1MA9 B 4 -4.56 7.87 -1.90
F2' A1MA9 B 4 -3.78 5.12 -5.48
F11 A1MA9 B 4 -5.82 7.60 -1.61
F12 A1MA9 B 4 -4.42 8.00 -3.21
F13 A1MA9 B 4 -4.16 8.96 -1.28
HOP2 A1MA9 B 4 -8.47 0.70 0.50
H2' A1MA9 B 4 -2.69 4.26 -4.04
H5' A1MA9 B 4 -5.61 0.70 -3.54
H5'' A1MA9 B 4 -4.77 1.42 -2.17
H4' A1MA9 B 4 -6.40 3.05 -4.18
H1' A1MA9 B 4 -5.23 5.71 -3.62
H3' A1MA9 B 4 -3.53 2.26 -4.26
H21 A1MA9 B 4 -1.53 1.03 -1.72
H22 A1MA9 B 4 -0.33 1.22 -0.47
H1 A1MA9 B 4 -0.29 3.23 0.82
C1 A1MA8 C . -1.77 -5.07 8.24
C2 A1MA8 C . -2.64 -4.01 7.99
C3 A1MA8 C . -3.41 -3.99 6.83
C4 A1MA8 C . -3.30 -4.98 5.90
C5 A1MA8 C . -2.43 -6.05 6.16
C6 A1MA8 C . -1.67 -6.12 7.30
N7 A1MA8 C . -3.88 -5.22 4.66
C8 A1MA8 C . -3.42 -6.43 4.14
C9 A1MA8 C . -2.50 -6.95 5.07
C10 A1MA8 C . -3.66 -7.12 2.99
C11 A1MA8 C . -2.96 -8.29 2.73
C12 A1MA8 C . -2.04 -8.80 3.65
C13 A1MA8 C . -1.81 -8.11 4.86
C14 A1MA8 C . -0.98 -5.15 9.48
C15 A1MA8 C . -1.30 -10.04 3.37
C16 A1MA8 C . -0.96 -3.91 10.41
O17 A1MA8 C . -0.41 -6.15 9.79
C18 A1MA8 C . -1.32 -10.60 1.95
O19 A1MA8 C . -0.68 -10.58 4.23
C20 A1MA8 C . -4.82 -4.32 3.97
C21 A1MA8 C . -6.15 -4.18 4.72
N22 A1MA8 C . -7.08 -3.29 4.00
C23 A1MA8 C . -7.41 -2.03 4.65
C24 A1MA8 C . -8.14 -2.24 5.97
C25 A1MA8 C . -6.16 -1.13 4.82
H26 A1MA8 C . -2.76 -3.20 8.70
H27 A1MA8 C . -4.09 -3.15 6.66
H28 A1MA8 C . -1.01 -6.95 7.49
H29 A1MA8 C . -4.37 -6.76 2.27
H30 A1MA8 C . -3.16 -8.81 1.80
H31 A1MA8 C . -1.11 -8.48 5.59
H34 A1MA8 C . -0.57 -3.05 9.86
H32 A1MA8 C . -0.32 -4.11 11.26
H33 A1MA8 C . -1.96 -3.69 10.77
H36 A1MA8 C . -1.10 -9.81 1.24
H37 A1MA8 C . -2.28 -11.04 1.73
H35 A1MA8 C . -0.55 -11.36 1.85
H38 A1MA8 C . -4.35 -3.36 3.84
H39 A1MA8 C . -5.02 -4.70 2.96
H40 A1MA8 C . -6.64 -5.14 4.81
H41 A1MA8 C . -6.01 -3.81 5.72
H50 A1MA8 C . -7.94 -3.79 3.78
H42 A1MA8 C . -8.10 -1.52 3.98
H44 A1MA8 C . -8.92 -2.99 5.85
H45 A1MA8 C . -8.62 -1.32 6.33
H43 A1MA8 C . -7.48 -2.58 6.78
H46 A1MA8 C . -6.44 -0.17 5.23
H48 A1MA8 C . -5.68 -0.95 3.86
H47 A1MA8 C . -5.44 -1.57 5.49
C1 A1MA8 D . 3.17 8.65 -3.43
C2 A1MA8 D . 3.83 7.76 -2.57
C3 A1MA8 D . 4.06 6.44 -2.97
C4 A1MA8 D . 3.62 6.00 -4.19
C5 A1MA8 D . 2.98 6.92 -5.04
C6 A1MA8 D . 2.74 8.22 -4.69
N7 A1MA8 D . 3.63 4.78 -4.86
C8 A1MA8 D . 3.06 4.92 -6.12
C9 A1MA8 D . 2.62 6.25 -6.22
C10 A1MA8 D . 2.82 4.06 -7.15
C11 A1MA8 D . 2.09 4.48 -8.26
C12 A1MA8 D . 1.62 5.80 -8.35
C13 A1MA8 D . 1.92 6.71 -7.32
C14 A1MA8 D . 2.92 10.05 -3.02
C15 A1MA8 D . 0.81 6.22 -9.49
C16 A1MA8 D . 2.72 10.34 -1.54
O17 A1MA8 D . 2.85 10.92 -3.85
C18 A1MA8 D . -0.08 5.18 -10.15
O19 A1MA8 D . 0.83 7.35 -9.89
C20 A1MA8 D . 4.13 3.50 -4.32
C21 A1MA8 D . 5.65 3.47 -4.13
N22 A1MA8 D . 6.11 2.12 -3.81
C23 A1MA8 D . 7.53 1.98 -3.50
C24 A1MA8 D . 8.43 2.54 -4.60
C25 A1MA8 D . 7.87 2.57 -2.13
H26 A1MA8 D . 4.20 8.08 -1.60
H27 A1MA8 D . 4.58 5.76 -2.31
H28 A1MA8 D . 2.23 8.89 -5.36
H29 A1MA8 D . 3.18 3.04 -7.11
H30 A1MA8 D . 1.87 3.76 -9.04
H31 A1MA8 D . 1.60 7.73 -7.38
H34 A1MA8 D . 2.24 11.32 -1.42
H32 A1MA8 D . 3.68 10.36 -1.02
H33 A1MA8 D . 2.08 9.59 -1.09
H36 A1MA8 D . -0.82 5.65 -10.79
H37 A1MA8 D . -0.61 4.60 -9.39
H35 A1MA8 D . 0.51 4.49 -10.75
H38 A1MA8 D . 3.63 3.29 -3.38
H39 A1MA8 D . 3.86 2.69 -4.99
H40 A1MA8 D . 6.15 3.81 -5.03
H41 A1MA8 D . 5.92 4.14 -3.31
H50 A1MA8 D . 5.54 1.70 -3.08
H42 A1MA8 D . 7.71 0.91 -3.45
H44 A1MA8 D . 8.42 3.64 -4.60
H45 A1MA8 D . 8.12 2.20 -5.58
H43 A1MA8 D . 9.46 2.22 -4.45
H46 A1MA8 D . 7.71 3.64 -2.09
H48 A1MA8 D . 8.92 2.40 -1.91
H47 A1MA8 D . 7.28 2.11 -1.34
P A1MA9 A 4 6.24 -1.67 -2.29
OP2 A1MA9 A 4 5.69 -0.69 -3.34
O5' A1MA9 A 4 5.95 -3.11 -2.80
C2' A1MA9 A 4 3.55 -5.82 0.32
C5' A1MA9 A 4 4.65 -3.67 -2.58
C4' A1MA9 A 4 4.70 -4.70 -1.44
O4' A1MA9 A 4 5.01 -4.06 -0.22
C1' A1MA9 A 4 4.64 -4.91 0.84
C3' A1MA9 A 4 3.41 -5.44 -1.13
O3' A1MA9 A 4 3.28 -6.56 -1.99
OP1 A1MA9 A 4 7.77 -1.59 -2.16
N9 A1MA9 A 4 4.28 -4.06 2.01
C4 A1MA9 A 4 3.22 -3.16 2.02
N3 A1MA9 A 4 2.23 -2.88 1.13
C2 A1MA9 A 4 1.28 -1.94 1.40
N2 A1MA9 A 4 0.28 -1.69 0.55
N1 A1MA9 A 4 1.38 -1.25 2.57
C6 A1MA9 A 4 2.33 -1.44 3.52
O6 A1MA9 A 4 2.35 -0.74 4.54
C5 A1MA9 A 4 3.28 -2.47 3.26
N7 A1MA9 A 4 4.33 -2.97 4.00
C8 A1MA9 A 4 4.84 -3.95 3.23
C A1MA9 A 4 5.96 -4.83 3.73
F2' A1MA9 A 4 3.97 -7.13 0.47
F11 A1MA9 A 4 7.06 -4.50 3.09
F12 A1MA9 A 4 5.59 -6.08 3.48
F13 A1MA9 A 4 6.11 -4.66 5.02
H2' A1MA9 A 4 2.61 -5.67 0.86
H5' A1MA9 A 4 4.36 -4.15 -3.51
H5'' A1MA9 A 4 3.93 -2.88 -2.36
H4' A1MA9 A 4 5.48 -5.43 -1.65
H1' A1MA9 A 4 5.51 -5.51 1.09
H3' A1MA9 A 4 2.55 -4.78 -1.26
H21 A1MA9 A 4 0.16 -2.22 -0.30
H22 A1MA9 A 4 -0.42 -1.01 0.79
H1 A1MA9 A 4 0.70 -0.55 2.81
P A1MA9 B 4 -6.97 0.31 0.12
OP2 A1MA9 B 4 -6.53 -1.08 0.64
O5' A1MA9 B 4 -7.03 0.17 -1.42
C2' A1MA9 B 4 -4.38 3.10 -4.03
C5' A1MA9 B 4 -5.82 0.22 -2.17
C4' A1MA9 B 4 -5.87 1.48 -3.05
O4' A1MA9 B 4 -5.80 2.60 -2.21
C1' A1MA9 B 4 -5.15 3.67 -2.84
C3' A1MA9 B 4 -4.72 1.64 -4.04
O3' A1MA9 B 4 -5.17 1.25 -5.34
OP1 A1MA9 B 4 -8.39 0.84 0.54
N9 A1MA9 B 4 -4.32 4.33 -1.82
C4 A1MA9 B 4 -3.19 3.74 -1.27
N3 A1MA9 B 4 -2.58 2.55 -1.49
C2 A1MA9 B 4 -1.42 2.21 -0.85
N2 A1MA9 B 4 -0.83 1.05 -1.09
N1 A1MA9 B 4 -0.91 3.08 0.05
C6 A1MA9 B 4 -1.45 4.29 0.38
O6 A1MA9 B 4 -0.91 5.00 1.23
C5 A1MA9 B 4 -2.64 4.65 -0.33
N7 A1MA9 B 4 -3.43 5.78 -0.31
C8 A1MA9 B 4 -4.42 5.53 -1.19
C A1MA9 B 4 -5.53 6.54 -1.41
F2' A1MA9 B 4 -4.77 3.69 -5.22
F11 A1MA9 B 4 -6.66 5.92 -1.67
F12 A1MA9 B 4 -5.16 7.30 -2.42
F13 A1MA9 B 4 -5.67 7.25 -0.30
HOP2 A1MA9 B 4 -8.68 0.43 1.34
H2' A1MA9 B 4 -3.31 3.24 -3.92
H5' A1MA9 B 4 -5.75 -0.68 -2.79
H5'' A1MA9 B 4 -4.95 0.23 -1.51
H4' A1MA9 B 4 -6.82 1.51 -3.59
H1' A1MA9 B 4 -5.91 4.36 -3.24
H3' A1MA9 B 4 -3.85 1.08 -3.73
H21 A1MA9 B 4 -1.24 0.36 -1.71
H22 A1MA9 B 4 0.06 0.85 -0.66
H1 A1MA9 B 4 -0.06 2.87 0.53
C1 A1MA8 C . -1.76 -5.00 7.71
C2 A1MA8 C . -2.56 -3.87 7.57
C3 A1MA8 C . -3.45 -3.74 6.50
C4 A1MA8 C . -3.51 -4.71 5.55
C5 A1MA8 C . -2.70 -5.86 5.70
C6 A1MA8 C . -1.84 -6.03 6.76
N7 A1MA8 C . -4.21 -4.88 4.36
C8 A1MA8 C . -3.87 -6.08 3.75
C9 A1MA8 C . -2.94 -6.71 4.61
C10 A1MA8 C . -4.23 -6.71 2.60
C11 A1MA8 C . -3.65 -7.92 2.26
C12 A1MA8 C . -2.74 -8.56 3.12
C13 A1MA8 C . -2.39 -7.92 4.32
C14 A1MA8 C . -0.85 -5.16 8.86
C15 A1MA8 C . -2.13 -9.86 2.80
C16 A1MA8 C . -0.97 -4.16 10.02
O17 A1MA8 C . -0.06 -6.05 8.89
C18 A1MA8 C . -2.28 -10.44 1.40
O19 A1MA8 C . -1.53 -10.47 3.63
C20 A1MA8 C . -5.17 -3.90 3.80
C21 A1MA8 C . -6.38 -3.66 4.71
N22 A1MA8 C . -7.34 -2.75 4.09
C23 A1MA8 C . -7.87 -1.66 4.92
C24 A1MA8 C . -8.41 -2.16 6.27
C25 A1MA8 C . -6.81 -0.56 5.07
H26 A1MA8 C . -2.52 -3.06 8.30
H27 A1MA8 C . -4.07 -2.87 6.44
H28 A1MA8 C . -1.24 -6.92 6.85
H29 A1MA8 C . -4.95 -6.26 1.94
H30 A1MA8 C . -3.92 -8.35 1.31
H31 A1MA8 C . -1.69 -8.39 5.00
H34 A1MA8 C . -0.56 -3.19 9.72
H32 A1MA8 C . -0.42 -4.52 10.88
H33 A1MA8 C . -2.01 -4.03 10.31
H36 A1MA8 C . -1.59 -9.96 0.71
H37 A1MA8 C . -3.29 -10.33 1.02
H35 A1MA8 C . -2.07 -11.51 1.42
H38 A1MA8 C . -4.64 -2.96 3.62
H39 A1MA8 C . -5.53 -4.23 2.82
H40 A1MA8 C . -6.90 -4.59 4.93
H41 A1MA8 C . -6.05 -3.24 5.65
H50 A1MA8 C . -8.10 -3.27 3.67
H42 A1MA8 C . -8.70 -1.25 4.35
H44 A1MA8 C . -9.08 -3.00 6.12
H45 A1MA8 C . -8.96 -1.39 6.81
H43 A1MA8 C . -7.61 -2.49 6.94
H46 A1MA8 C . -7.23 0.33 5.56
H48 A1MA8 C . -6.46 -0.24 4.09
H47 A1MA8 C . -5.96 -0.88 5.65
C1 A1MA8 D . 3.81 8.21 -2.69
C2 A1MA8 D . 4.59 7.26 -2.03
C3 A1MA8 D . 4.75 5.98 -2.55
C4 A1MA8 D . 4.10 5.62 -3.71
C5 A1MA8 D . 3.30 6.59 -4.35
C6 A1MA8 D . 3.15 7.85 -3.87
N7 A1MA8 D . 4.03 4.46 -4.47
C8 A1MA8 D . 3.21 4.67 -5.58
C9 A1MA8 D . 2.74 5.99 -5.49
C10 A1MA8 D . 2.82 3.88 -6.63
C11 A1MA8 D . 1.92 4.38 -7.58
C12 A1MA8 D . 1.45 5.69 -7.48
C13 A1MA8 D . 1.89 6.52 -6.43
C14 A1MA8 D . 3.75 9.60 -2.22
C15 A1MA8 D . 0.52 6.25 -8.48
C16 A1MA8 D . 4.20 9.93 -0.80
O17 A1MA8 D . 3.36 10.47 -2.95
C18 A1MA8 D . -0.29 5.27 -9.34
O19 A1MA8 D . 0.39 7.43 -8.62
C20 A1MA8 D . 4.70 3.18 -4.15
C21 A1MA8 D . 6.23 3.30 -4.19
N22 A1MA8 D . 6.87 1.98 -4.30
C23 A1MA8 D . 8.32 1.94 -4.17
C24 A1MA8 D . 9.02 3.08 -4.93
C25 A1MA8 D . 8.75 1.89 -2.70
H26 A1MA8 D . 5.13 7.50 -1.12
H27 A1MA8 D . 5.38 5.26 -2.04
H28 A1MA8 D . 2.54 8.58 -4.40
H29 A1MA8 D . 3.19 2.87 -6.72
H30 A1MA8 D . 1.62 3.73 -8.38
H31 A1MA8 D . 1.54 7.54 -6.34
H34 A1MA8 D . 3.69 9.30 -0.07
H32 A1MA8 D . 3.98 10.97 -0.57
H33 A1MA8 D . 5.28 9.79 -0.70
H36 A1MA8 D . -1.04 5.82 -9.90
H37 A1MA8 D . -0.77 4.53 -8.70
H35 A1MA8 D . 0.37 4.77 -10.05
H38 A1MA8 D . 4.37 2.82 -3.18
H39 A1MA8 D . 4.39 2.42 -4.86
H40 A1MA8 D . 6.54 3.90 -5.04
H41 A1MA8 D . 6.60 3.78 -3.29
H50 A1MA8 D . 6.44 1.31 -3.66
H42 A1MA8 D . 8.62 1.00 -4.63
H44 A1MA8 D . 8.92 4.04 -4.41
H45 A1MA8 D . 8.60 3.20 -5.93
H43 A1MA8 D . 10.08 2.87 -5.05
H46 A1MA8 D . 8.54 2.83 -2.18
H48 A1MA8 D . 9.83 1.70 -2.61
H47 A1MA8 D . 8.24 1.09 -2.17
P A1MA9 A 4 5.75 -2.00 -2.15
OP2 A1MA9 A 4 5.06 -1.16 -3.25
O5' A1MA9 A 4 5.49 -3.51 -2.47
C2' A1MA9 A 4 3.63 -6.37 0.80
C5' A1MA9 A 4 4.28 -4.13 -2.05
C4' A1MA9 A 4 4.63 -5.29 -1.12
O4' A1MA9 A 4 5.17 -4.74 0.06
C1' A1MA9 A 4 4.85 -5.54 1.18
C3' A1MA9 A 4 3.46 -6.16 -0.67
O3' A1MA9 A 4 3.49 -7.41 -1.34
OP1 A1MA9 A 4 7.28 -1.84 -2.20
N9 A1MA9 A 4 4.61 -4.63 2.31
C4 A1MA9 A 4 3.61 -3.69 2.33
N3 A1MA9 A 4 2.63 -3.38 1.43
C2 A1MA9 A 4 1.72 -2.41 1.66
N2 A1MA9 A 4 0.77 -2.14 0.77
N1 A1MA9 A 4 1.83 -1.70 2.84
C6 A1MA9 A 4 2.77 -1.90 3.80
O6 A1MA9 A 4 2.78 -1.21 4.81
C5 A1MA9 A 4 3.70 -2.96 3.54
N7 A1MA9 A 4 4.76 -3.49 4.27
C8 A1MA9 A 4 5.24 -4.49 3.50
C A1MA9 A 4 6.39 -5.37 3.93
F2' A1MA9 A 4 3.85 -7.71 1.11
F11 A1MA9 A 4 7.35 -5.25 3.04
F12 A1MA9 A 4 5.95 -6.61 3.97
F13 A1MA9 A 4 6.83 -5.00 5.13
H2' A1MA9 A 4 2.73 -6.05 1.32
H5' A1MA9 A 4 3.75 -4.49 -2.93
H5'' A1MA9 A 4 3.63 -3.40 -1.54
H4' A1MA9 A 4 5.38 -5.93 -1.58
H1' A1MA9 A 4 5.68 -6.21 1.37
H3' A1MA9 A 4 2.50 -5.67 -0.85
H21 A1MA9 A 4 0.73 -2.65 -0.09
H22 A1MA9 A 4 0.09 -1.42 0.94
H1 A1MA9 A 4 1.18 -0.98 3.04
P A1MA9 B 4 -6.82 0.55 -0.26
OP2 A1MA9 B 4 -6.50 -0.93 -0.58
O5' A1MA9 B 4 -7.21 1.15 -1.64
C2' A1MA9 B 4 -4.35 4.24 -3.94
C5' A1MA9 B 4 -6.19 1.22 -2.66
C4' A1MA9 B 4 -6.02 2.66 -3.18
O4' A1MA9 B 4 -5.69 3.53 -2.13
C1' A1MA9 B 4 -5.03 4.67 -2.65
C3' A1MA9 B 4 -4.87 2.85 -4.15
O3' A1MA9 B 4 -5.31 2.67 -5.50
OP1 A1MA9 B 4 -8.00 0.83 0.73
N9 A1MA9 B 4 -4.10 5.17 -1.61
C4 A1MA9 B 4 -2.97 4.45 -1.19
N3 A1MA9 B 4 -2.47 3.25 -1.54
C2 A1MA9 B 4 -1.35 2.74 -0.95
N2 A1MA9 B 4 -0.92 1.52 -1.26
N1 A1MA9 B 4 -0.72 3.51 -0.02
C6 A1MA9 B 4 -1.14 4.72 0.41
O6 A1MA9 B 4 -0.53 5.33 1.30
C5 A1MA9 B 4 -2.32 5.23 -0.22
N7 A1MA9 B 4 -3.02 6.42 -0.04
C8 A1MA9 B 4 -4.09 6.30 -0.85
C A1MA9 B 4 -5.16 7.36 -0.86
F2' A1MA9 B 4 -4.65 5.08 -5.01
F11 A1MA9 B 4 -6.34 6.82 -1.08
F12 A1MA9 B 4 -4.86 8.22 -1.82
F13 A1MA9 B 4 -5.17 7.97 0.31
HOP2 A1MA9 B 4 -8.68 0.17 0.62
H2' A1MA9 B 4 -3.27 4.21 -3.84
H5' A1MA9 B 4 -6.48 0.56 -3.47
H5'' A1MA9 B 4 -5.24 0.84 -2.27
H4' A1MA9 B 4 -6.95 3.01 -3.63
H1' A1MA9 B 4 -5.79 5.41 -2.90
H3' A1MA9 B 4 -4.06 2.17 -3.92
H21 A1MA9 B 4 -1.40 0.94 -1.91
H22 A1MA9 B 4 -0.09 1.16 -0.80
H1 A1MA9 B 4 0.12 3.18 0.43
C1 A1MA8 C . -1.25 -4.95 7.69
C2 A1MA8 C . -2.14 -3.90 7.43
C3 A1MA8 C . -3.06 -3.99 6.38
C4 A1MA8 C . -3.11 -5.13 5.62
C5 A1MA8 C . -2.24 -6.19 5.92
C6 A1MA8 C . -1.32 -6.13 6.93
N7 A1MA8 C . -3.86 -5.52 4.51
C8 A1MA8 C . -3.51 -6.80 4.13
C9 A1MA8 C . -2.50 -7.22 5.00
C10 A1MA8 C . -3.91 -7.64 3.13
C11 A1MA8 C . -3.31 -8.88 2.98
C12 A1MA8 C . -2.28 -9.30 3.85
C13 A1MA8 C . -1.89 -8.44 4.88
C14 A1MA8 C . -0.22 -4.81 8.72
C15 A1MA8 C . -1.60 -10.58 3.67
C16 A1MA8 C . -0.41 -3.75 9.81
O17 A1MA8 C . 0.78 -5.48 8.70
C18 A1MA8 C . -1.85 -11.38 2.39
O19 A1MA8 C . -0.84 -10.98 4.49
C20 A1MA8 C . -4.84 -4.66 3.81
C21 A1MA8 C . -6.08 -4.31 4.63
N22 A1MA8 C . -7.00 -3.48 3.85
C23 A1MA8 C . -7.36 -2.16 4.37
C24 A1MA8 C . -8.19 -2.25 5.65
C25 A1MA8 C . -6.12 -1.26 4.51
H26 A1MA8 C . -2.13 -3.00 8.01
H27 A1MA8 C . -3.73 -3.17 6.18
H28 A1MA8 C . -0.65 -6.95 7.13
H29 A1MA8 C . -4.69 -7.35 2.45
H30 A1MA8 C . -3.64 -9.51 2.16
H31 A1MA8 C . -1.11 -8.74 5.57
H34 A1MA8 C . -0.41 -2.75 9.38
H32 A1MA8 C . 0.42 -3.80 10.51
H33 A1MA8 C . -1.34 -3.93 10.34
H36 A1MA8 C . -1.63 -10.76 1.52
H37 A1MA8 C . -2.88 -11.72 2.34
H35 A1MA8 C . -1.19 -12.24 2.37
H38 A1MA8 C . -4.34 -3.75 3.49
H39 A1MA8 C . -5.17 -5.16 2.90
H40 A1MA8 C . -6.62 -5.21 4.93
H41 A1MA8 C . -5.82 -3.78 5.55
H50 A1MA8 C . -7.82 -4.01 3.59
H42 A1MA8 C . -8.00 -1.72 3.59
H44 A1MA8 C . -9.07 -2.87 5.51
H45 A1MA8 C . -8.53 -1.27 5.96
H43 A1MA8 C . -7.61 -2.67 6.47
H46 A1MA8 C . -6.41 -0.22 4.70
H48 A1MA8 C . -5.54 -1.26 3.59
H47 A1MA8 C . -5.48 -1.57 5.32
C1 A1MA8 D . 3.24 8.79 -3.12
C2 A1MA8 D . 3.96 7.85 -2.36
C3 A1MA8 D . 4.17 6.55 -2.84
C4 A1MA8 D . 3.64 6.17 -4.04
C5 A1MA8 D . 2.90 7.11 -4.78
C6 A1MA8 D . 2.71 8.40 -4.36
N7 A1MA8 D . 3.62 4.99 -4.76
C8 A1MA8 D . 2.89 5.15 -5.94
C9 A1MA8 D . 2.43 6.48 -5.95
C10 A1MA8 D . 2.57 4.33 -6.97
C11 A1MA8 D . 1.74 4.77 -7.99
C12 A1MA8 D . 1.26 6.08 -7.99
C13 A1MA8 D . 1.63 6.95 -6.96
C14 A1MA8 D . 3.08 10.16 -2.65
C15 A1MA8 D . 0.33 6.55 -9.04
C16 A1MA8 D . 2.60 10.38 -1.22
O17 A1MA8 D . 3.35 11.08 -3.36
C18 A1MA8 D . -0.31 5.51 -9.97
O19 A1MA8 D . 0.05 7.70 -9.12
C20 A1MA8 D . 4.23 3.70 -4.35
C21 A1MA8 D . 5.74 3.75 -4.15
N22 A1MA8 D . 6.28 2.40 -4.00
C23 A1MA8 D . 7.59 2.30 -3.33
C24 A1MA8 D . 8.62 3.26 -3.94
C25 A1MA8 D . 7.42 2.50 -1.82
H26 A1MA8 D . 4.39 8.14 -1.41
H27 A1MA8 D . 4.74 5.85 -2.25
H28 A1MA8 D . 2.15 9.11 -4.96
H29 A1MA8 D . 2.94 3.31 -6.99
H30 A1MA8 D . 1.48 4.07 -8.78
H31 A1MA8 D . 1.28 7.98 -6.94
H34 A1MA8 D . 2.26 11.40 -1.11
H32 A1MA8 D . 3.39 10.19 -0.51
H33 A1MA8 D . 1.77 9.71 -1.01
H36 A1MA8 D . -1.09 5.98 -10.57
H37 A1MA8 D . -0.74 4.70 -9.40
H35 A1MA8 D . 0.44 5.11 -10.65
H38 A1MA8 D . 3.78 3.37 -3.42
H39 A1MA8 D . 4.00 2.93 -5.08
H40 A1MA8 D . 6.23 4.20 -5.01
H41 A1MA8 D . 5.98 4.33 -3.27
H50 A1MA8 D . 5.61 1.78 -3.54
H42 A1MA8 D . 7.93 1.28 -3.49
H44 A1MA8 D . 8.32 4.30 -3.84
H45 A1MA8 D . 8.77 3.05 -4.99
H43 A1MA8 D . 9.58 3.17 -3.44
H46 A1MA8 D . 7.21 3.54 -1.56
H48 A1MA8 D . 8.32 2.21 -1.30
H47 A1MA8 D . 6.62 1.88 -1.45
P A1MA9 A 4 5.63 -2.10 -2.36
OP2 A1MA9 A 4 5.20 -0.98 -3.33
O5' A1MA9 A 4 5.01 -3.43 -2.90
C2' A1MA9 A 4 3.42 -6.08 0.77
C5' A1MA9 A 4 3.87 -3.99 -2.23
C4' A1MA9 A 4 4.33 -5.06 -1.23
O4' A1MA9 A 4 4.82 -4.39 -0.09
C1' A1MA9 A 4 4.55 -5.14 1.08
C3' A1MA9 A 4 3.24 -5.99 -0.71
O3' A1MA9 A 4 3.37 -7.28 -1.27
OP1 A1MA9 A 4 7.16 -2.32 -2.37
N9 A1MA9 A 4 4.23 -4.19 2.16
C4 A1MA9 A 4 3.16 -3.31 2.13
N3 A1MA9 A 4 2.18 -3.07 1.22
C2 A1MA9 A 4 1.20 -2.17 1.46
N2 A1MA9 A 4 0.22 -1.94 0.58
N1 A1MA9 A 4 1.23 -1.48 2.63
C6 A1MA9 A 4 2.17 -1.62 3.60
O6 A1MA9 A 4 2.11 -0.93 4.63
C5 A1MA9 A 4 3.18 -2.59 3.36
N7 A1MA9 A 4 4.25 -3.02 4.12
C8 A1MA9 A 4 4.85 -3.96 3.35
C A1MA9 A 4 6.06 -4.73 3.81
F2' A1MA9 A 4 3.71 -7.37 1.21
F11 A1MA9 A 4 7.02 -4.57 2.93
F12 A1MA9 A 4 5.67 -5.98 3.86
F13 A1MA9 A 4 6.42 -4.32 5.00
H2' A1MA9 A 4 2.49 -5.78 1.27
H5' A1MA9 A 4 3.22 -4.43 -3.00
H5'' A1MA9 A 4 3.31 -3.21 -1.73
H4' A1MA9 A 4 5.12 -5.68 -1.66
H1' A1MA9 A 4 5.45 -5.72 1.30
H3' A1MA9 A 4 2.25 -5.58 -0.94
H21 A1MA9 A 4 0.16 -2.39 -0.32
H22 A1MA9 A 4 -0.51 -1.28 0.82
H1 A1MA9 A 4 0.52 -0.81 2.85
P A1MA9 B 4 -7.20 0.59 -0.44
OP2 A1MA9 B 4 -7.09 -0.90 -0.78
O5' A1MA9 B 4 -7.30 1.30 -1.83
C2' A1MA9 B 4 -3.88 3.97 -3.82
C5' A1MA9 B 4 -6.18 1.20 -2.73
C4' A1MA9 B 4 -5.76 2.60 -3.19
O4' A1MA9 B 4 -5.34 3.39 -2.10
C1' A1MA9 B 4 -4.59 4.48 -2.58
C3' A1MA9 B 4 -4.51 2.63 -4.06
O3' A1MA9 B 4 -4.86 2.45 -5.43
OP1 A1MA9 B 4 -8.44 1.05 0.40
N9 A1MA9 B 4 -3.69 4.98 -1.51
C4 A1MA9 B 4 -2.64 4.23 -0.97
N3 A1MA9 B 4 -2.17 3.00 -1.23
C2 A1MA9 B 4 -1.10 2.49 -0.57
N2 A1MA9 B 4 -0.63 1.27 -0.84
N1 A1MA9 B 4 -0.51 3.25 0.40
C6 A1MA9 B 4 -0.91 4.50 0.77
O6 A1MA9 B 4 -0.35 5.10 1.68
C5 A1MA9 B 4 -2.02 5.03 0.03
N7 A1MA9 B 4 -2.67 6.24 0.09
C8 A1MA9 B 4 -3.65 6.16 -0.82
C A1MA9 B 4 -4.61 7.30 -1.04
F2' A1MA9 B 4 -4.07 4.84 -4.89
F11 A1MA9 B 4 -5.82 6.83 -1.18
F12 A1MA9 B 4 -4.20 7.94 -2.12
F13 A1MA9 B 4 -4.54 8.10 0.02
HOP2 A1MA9 B 4 -8.77 0.32 0.90
H2' A1MA9 B 4 -2.81 3.83 -3.66
H5' A1MA9 B 4 -6.49 0.61 -3.60
H5'' A1MA9 B 4 -5.35 0.68 -2.26
H4' A1MA9 B 4 -6.58 3.11 -3.69
H1' A1MA9 B 4 -5.29 5.26 -2.89
H3' A1MA9 B 4 -3.80 1.89 -3.71
H21 A1MA9 B 4 -1.08 0.70 -1.54
H22 A1MA9 B 4 0.17 0.91 -0.35
H1 A1MA9 B 4 0.28 2.92 0.92
C1 A1MA8 C . -1.84 -4.55 8.34
C2 A1MA8 C . -2.69 -3.51 7.94
C3 A1MA8 C . -3.48 -3.63 6.79
C4 A1MA8 C . -3.40 -4.76 6.02
C5 A1MA8 C . -2.54 -5.80 6.44
C6 A1MA8 C . -1.78 -5.71 7.58
N7 A1MA8 C . -3.99 -5.19 4.84
C8 A1MA8 C . -3.52 -6.45 4.49
C9 A1MA8 C . -2.63 -6.85 5.50
C10 A1MA8 C . -3.72 -7.28 3.43
C11 A1MA8 C . -3.06 -8.51 3.36
C12 A1MA8 C . -2.21 -8.92 4.41
C13 A1MA8 C . -2.00 -8.06 5.50
C14 A1MA8 C . -1.02 -4.43 9.55
C15 A1MA8 C . -1.55 -10.22 4.38
C16 A1MA8 C . -1.60 -3.69 10.75
O17 A1MA8 C . 0.05 -4.94 9.61
C18 A1MA8 C . -1.14 -10.80 3.03
O19 A1MA8 C . -1.32 -10.82 5.39
C20 A1MA8 C . -4.97 -4.41 4.06
C21 A1MA8 C . -6.30 -4.19 4.81
N22 A1MA8 C . -7.32 -3.56 3.95
C23 A1MA8 C . -7.67 -2.17 4.24
C24 A1MA8 C . -8.49 -2.04 5.53
C25 A1MA8 C . -6.46 -1.24 4.22
H26 A1MA8 C . -2.77 -2.60 8.53
H27 A1MA8 C . -4.14 -2.83 6.50
H28 A1MA8 C . -1.12 -6.53 7.86
H29 A1MA8 C . -4.39 -7.01 2.62
H30 A1MA8 C . -3.22 -9.15 2.51
H31 A1MA8 C . -1.34 -8.36 6.31
H34 A1MA8 C . -1.39 -2.62 10.67
H32 A1MA8 C . -1.16 -4.09 11.66
H33 A1MA8 C . -2.68 -3.83 10.82
H36 A1MA8 C . -0.67 -10.01 2.44
H37 A1MA8 C . -2.01 -11.17 2.48
H35 A1MA8 C . -0.44 -11.61 3.17
H38 A1MA8 C . -4.54 -3.44 3.79
H39 A1MA8 C . -5.19 -4.91 3.12
H40 A1MA8 C . -6.70 -5.16 5.11
H41 A1MA8 C . -6.17 -3.61 5.72
H50 A1MA8 C . -8.15 -4.14 3.92
H42 A1MA8 C . -8.33 -1.86 3.42
H44 A1MA8 C . -9.35 -2.70 5.51
H45 A1MA8 C . -8.85 -1.02 5.67
H43 A1MA8 C . -7.89 -2.29 6.41
H46 A1MA8 C . -6.76 -0.19 4.27
H48 A1MA8 C . -5.88 -1.37 3.30
H47 A1MA8 C . -5.79 -1.42 5.06
C1 A1MA8 D . 3.66 8.23 -2.35
C2 A1MA8 D . 4.53 7.23 -1.90
C3 A1MA8 D . 4.67 6.04 -2.63
C4 A1MA8 D . 3.99 5.86 -3.81
C5 A1MA8 D . 3.16 6.91 -4.27
C6 A1MA8 D . 2.99 8.06 -3.56
N7 A1MA8 D . 3.87 4.83 -4.73
C8 A1MA8 D . 3.05 5.22 -5.79
C9 A1MA8 D . 2.62 6.53 -5.50
C10 A1MA8 D . 2.60 4.62 -6.93
C11 A1MA8 D . 1.72 5.29 -7.79
C12 A1MA8 D . 1.32 6.61 -7.50
C13 A1MA8 D . 1.78 7.22 -6.33
C14 A1MA8 D . 3.51 9.46 -1.56
C15 A1MA8 D . 0.42 7.35 -8.39
C16 A1MA8 D . 2.10 9.97 -1.26
O17 A1MA8 D . 4.47 10.04 -1.13
C18 A1MA8 D . -0.21 6.63 -9.58
O19 A1MA8 D . 0.20 8.51 -8.21
C20 A1MA8 D . 4.52 3.50 -4.63
C21 A1MA8 D . 6.05 3.57 -4.59
N22 A1MA8 D . 6.69 2.26 -4.52
C23 A1MA8 D . 7.98 2.21 -3.85
C24 A1MA8 D . 8.97 3.26 -4.38
C25 A1MA8 D . 7.82 2.29 -2.32
H26 A1MA8 D . 5.09 7.36 -0.99
H27 A1MA8 D . 5.32 5.27 -2.24
H28 A1MA8 D . 2.35 8.85 -3.94
H29 A1MA8 D . 2.91 3.61 -7.17
H30 A1MA8 D . 1.37 4.77 -8.66
H31 A1MA8 D . 1.48 8.23 -6.09
H34 A1MA8 D . 1.48 9.95 -2.15
H32 A1MA8 D . 2.15 10.99 -0.88
H33 A1MA8 D . 1.64 9.35 -0.49
H36 A1MA8 D . -0.80 7.33 -10.17
H37 A1MA8 D . -0.86 5.82 -9.23
H35 A1MA8 D . 0.55 6.20 -10.24
H38 A1MA8 D . 4.15 3.01 -3.72
H39 A1MA8 D . 4.21 2.86 -5.45
H40 A1MA8 D . 6.43 4.09 -5.47
H41 A1MA8 D . 6.37 4.15 -3.73
H50 A1MA8 D . 6.05 1.57 -4.13
H42 A1MA8 D . 8.40 1.22 -4.07
H44 A1MA8 D . 8.59 4.28 -4.29
H45 A1MA8 D . 9.20 3.08 -5.43
H43 A1MA8 D . 9.91 3.23 -3.84
H46 A1MA8 D . 7.45 3.26 -2.00
H48 A1MA8 D . 8.78 2.12 -1.82
H47 A1MA8 D . 7.13 1.53 -1.96
#